data_4O28
#
_entry.id   4O28
#
_cell.length_a   60.327
_cell.length_b   106.208
_cell.length_c   83.651
_cell.angle_alpha   90.00
_cell.angle_beta   96.71
_cell.angle_gamma   90.00
#
_symmetry.space_group_name_H-M   'P 1 21 1'
#
loop_
_entity.id
_entity.type
_entity.pdbx_description
1 polymer 'Nicotinamide phosphoribosyltransferase'
2 non-polymer N-{4-[(3,5-difluorophenyl)sulfonyl]benzyl}imidazo[1,2-a]pyridine-6-carboxamide
3 non-polymer 'PHOSPHATE ION'
4 non-polymer 1,2-ETHANEDIOL
5 water water
#
_entity_poly.entity_id   1
_entity_poly.type   'polypeptide(L)'
_entity_poly.pdbx_seq_one_letter_code
;MNPAAEAEFNILLATDSYKVTHYKQYPPNTSKVYSYFECREKKTENSKLRKVKYEETVFYGLQYILNKYLKGKVVTKEKI
QEAKDVYKEHFQDDVFNEKGWNYILEKYDGHLPIEIKAVPEGFVIPRGNVLFTVENTDPECYWLTNWIETILVQSWYPIT
VATNFREQKKILAKYLLETSGNLDGLEYKLHDFGYRGVSSQETAGIGASAHLVNFKGTDTVAGLALIKKYYGTKDPVPGY
SVPAAEHSTITAWGKDHEKDAFEHIVTQFSSVPVSVVSDSYDIYNACEKIWGEDLRHLIVSRSTQAPLIIRPDSGNPLDT
VLKVLEILGKKFPVTENSKGYKLLPPYLRVIQGDGVDINTLQEIVEGMKQKMWSIENIAFGSGGGLLQKLTRDLLNCSFK
CSYVVTNGLGINVFKDPVADPNKRSKKGRLSLHRTPAGNFVTLEEGKGDLEEYGQDLLHTVFKNGKVTKSYSFDEIRKNA
QLNIELEAAHHLEHHHHHHHH
;
_entity_poly.pdbx_strand_id   A,B
#
loop_
_chem_comp.id
_chem_comp.type
_chem_comp.name
_chem_comp.formula
1QS non-polymer N-{4-[(3,5-difluorophenyl)sulfonyl]benzyl}imidazo[1,2-a]pyridine-6-carboxamide 'C21 H15 F2 N3 O3 S'
EDO non-polymer 1,2-ETHANEDIOL 'C2 H6 O2'
PO4 non-polymer 'PHOSPHATE ION' 'O4 P -3'
#
# COMPACT_ATOMS: atom_id res chain seq x y z
N GLU A 8 -11.61 -15.25 -10.27
CA GLU A 8 -10.96 -14.54 -11.37
C GLU A 8 -11.27 -13.04 -11.32
N PHE A 9 -10.34 -12.24 -11.83
CA PHE A 9 -10.51 -10.79 -11.89
C PHE A 9 -11.60 -10.39 -12.89
N ASN A 10 -12.46 -9.46 -12.50
CA ASN A 10 -13.56 -9.00 -13.35
C ASN A 10 -13.48 -7.49 -13.53
N ILE A 11 -13.08 -7.03 -14.71
CA ILE A 11 -12.96 -5.58 -14.97
C ILE A 11 -14.27 -4.82 -14.70
N LEU A 12 -15.41 -5.49 -14.82
CA LEU A 12 -16.69 -4.84 -14.56
C LEU A 12 -16.86 -4.54 -13.07
N LEU A 13 -16.06 -5.19 -12.23
CA LEU A 13 -16.11 -4.98 -10.79
C LEU A 13 -14.84 -4.28 -10.29
N ALA A 14 -14.08 -3.66 -11.19
CA ALA A 14 -12.80 -3.07 -10.80
C ALA A 14 -12.78 -1.57 -11.03
N THR A 15 -13.84 -0.91 -10.58
CA THR A 15 -13.94 0.54 -10.72
C THR A 15 -14.58 1.07 -9.44
N ASP A 16 -14.50 2.39 -9.21
CA ASP A 16 -15.24 3.01 -8.13
C ASP A 16 -16.71 2.83 -8.41
N SER A 17 -17.48 2.51 -7.36
CA SER A 17 -18.92 2.24 -7.50
C SER A 17 -19.66 3.30 -8.31
N TYR A 18 -19.46 4.58 -8.00
CA TYR A 18 -20.25 5.63 -8.66
C TYR A 18 -20.07 5.70 -10.18
N LYS A 19 -18.92 5.22 -10.65
CA LYS A 19 -18.65 5.18 -12.08
C LYS A 19 -19.61 4.25 -12.85
N VAL A 20 -20.21 3.30 -12.16
CA VAL A 20 -21.27 2.46 -12.73
C VAL A 20 -22.44 3.31 -13.25
N THR A 21 -22.62 4.50 -12.67
CA THR A 21 -23.79 5.34 -12.95
C THR A 21 -23.51 6.51 -13.89
N HIS A 22 -22.27 6.64 -14.33
CA HIS A 22 -21.85 7.79 -15.13
C HIS A 22 -22.34 7.77 -16.59
N TYR A 23 -22.57 6.59 -17.15
CA TYR A 23 -23.07 6.50 -18.51
C TYR A 23 -24.41 7.24 -18.70
N LYS A 24 -25.15 7.41 -17.61
CA LYS A 24 -26.42 8.17 -17.64
C LYS A 24 -26.23 9.68 -17.44
N GLN A 25 -25.00 10.13 -17.26
CA GLN A 25 -24.76 11.49 -16.79
C GLN A 25 -24.06 12.40 -17.78
N TYR A 26 -23.35 11.82 -18.74
CA TYR A 26 -22.66 12.59 -19.77
C TYR A 26 -23.68 13.30 -20.65
N PRO A 27 -23.28 14.40 -21.34
CA PRO A 27 -24.23 15.05 -22.23
C PRO A 27 -24.73 14.05 -23.27
N PRO A 28 -26.05 14.05 -23.56
CA PRO A 28 -26.52 13.21 -24.66
C PRO A 28 -25.79 13.54 -25.97
N ASN A 29 -25.66 12.53 -26.84
CA ASN A 29 -24.97 12.66 -28.12
C ASN A 29 -23.47 12.84 -27.99
N THR A 30 -22.90 12.35 -26.89
CA THR A 30 -21.45 12.30 -26.72
C THR A 30 -20.84 11.03 -27.28
N SER A 31 -19.93 11.19 -28.24
CA SER A 31 -19.33 10.08 -28.95
C SER A 31 -17.87 9.83 -28.53
N LYS A 32 -17.28 10.79 -27.84
CA LYS A 32 -15.90 10.67 -27.38
C LYS A 32 -15.69 11.31 -26.02
N VAL A 33 -14.99 10.57 -25.16
CA VAL A 33 -14.47 11.10 -23.90
C VAL A 33 -12.98 10.79 -23.92
N TYR A 34 -12.17 11.83 -23.74
CA TYR A 34 -10.71 11.75 -23.86
C TYR A 34 -10.17 12.32 -22.57
N SER A 35 -9.30 11.55 -21.91
CA SER A 35 -8.82 11.87 -20.57
C SER A 35 -7.30 11.66 -20.51
N TYR A 36 -6.64 12.26 -19.52
CA TYR A 36 -5.18 12.20 -19.47
C TYR A 36 -4.71 12.04 -18.04
N PHE A 37 -3.46 11.61 -17.88
CA PHE A 37 -2.85 11.44 -16.57
C PHE A 37 -1.64 12.34 -16.48
N GLU A 38 -1.47 13.02 -15.35
CA GLU A 38 -0.26 13.81 -15.11
C GLU A 38 0.13 13.72 -13.65
N CYS A 39 1.37 14.06 -13.35
CA CYS A 39 1.78 14.29 -11.97
C CYS A 39 1.73 15.81 -11.79
N ARG A 40 0.57 16.27 -11.33
CA ARG A 40 0.22 17.68 -11.37
C ARG A 40 1.22 18.53 -10.61
N GLU A 41 1.57 19.67 -11.18
CA GLU A 41 2.52 20.59 -10.59
C GLU A 41 1.87 21.27 -9.40
N LYS A 42 2.69 21.64 -8.41
CA LYS A 42 2.18 22.23 -7.18
C LYS A 42 2.94 23.48 -6.78
N TYR A 54 10.67 17.00 -5.63
CA TYR A 54 10.23 16.02 -6.63
C TYR A 54 9.79 16.71 -7.92
N GLU A 55 10.75 17.33 -8.61
CA GLU A 55 10.43 18.12 -9.79
C GLU A 55 10.29 17.26 -11.05
N GLU A 56 10.82 16.04 -11.02
CA GLU A 56 10.75 15.17 -12.19
C GLU A 56 10.43 13.75 -11.79
N THR A 57 9.56 13.11 -12.55
CA THR A 57 9.07 11.79 -12.18
C THR A 57 9.48 10.73 -13.19
N VAL A 58 9.72 9.52 -12.70
CA VAL A 58 10.01 8.37 -13.55
C VAL A 58 8.68 7.75 -13.96
N PHE A 59 8.38 7.74 -15.25
CA PHE A 59 7.16 7.08 -15.69
C PHE A 59 7.37 5.59 -15.78
N TYR A 60 6.71 4.83 -14.92
CA TYR A 60 6.91 3.39 -14.87
C TYR A 60 5.69 2.66 -14.33
N GLY A 61 5.30 1.55 -14.98
CA GLY A 61 4.33 0.65 -14.38
C GLY A 61 3.04 0.41 -15.15
N LEU A 62 2.79 1.21 -16.16
CA LEU A 62 1.56 1.09 -16.94
C LEU A 62 1.47 -0.27 -17.66
N GLN A 63 2.60 -0.70 -18.22
CA GLN A 63 2.67 -1.95 -18.98
C GLN A 63 2.19 -3.17 -18.18
N TYR A 64 2.53 -3.18 -16.90
CA TYR A 64 1.99 -4.20 -15.98
C TYR A 64 0.46 -4.21 -15.97
N ILE A 65 -0.14 -3.05 -15.71
CA ILE A 65 -1.60 -2.92 -15.67
C ILE A 65 -2.24 -3.32 -17.02
N LEU A 66 -1.68 -2.80 -18.12
CA LEU A 66 -2.17 -3.12 -19.45
C LEU A 66 -2.26 -4.62 -19.70
N ASN A 67 -1.19 -5.33 -19.34
CA ASN A 67 -1.12 -6.76 -19.63
C ASN A 67 -1.92 -7.61 -18.66
N LYS A 68 -1.85 -7.27 -17.37
CA LYS A 68 -2.52 -8.07 -16.36
C LYS A 68 -4.03 -7.89 -16.36
N TYR A 69 -4.50 -6.67 -16.64
CA TYR A 69 -5.89 -6.35 -16.39
C TYR A 69 -6.71 -5.89 -17.60
N LEU A 70 -6.08 -5.27 -18.58
CA LEU A 70 -6.85 -4.61 -19.62
C LEU A 70 -6.90 -5.32 -20.97
N LYS A 71 -5.90 -6.14 -21.27
CA LYS A 71 -5.78 -6.70 -22.61
C LYS A 71 -6.58 -7.99 -22.81
N GLY A 72 -6.89 -8.29 -24.06
CA GLY A 72 -7.56 -9.54 -24.38
C GLY A 72 -9.05 -9.48 -24.15
N LYS A 73 -9.67 -10.66 -24.05
CA LYS A 73 -11.09 -10.77 -23.85
C LYS A 73 -11.40 -10.60 -22.37
N VAL A 74 -11.69 -9.38 -21.94
CA VAL A 74 -11.84 -9.12 -20.52
C VAL A 74 -13.32 -9.06 -20.13
N VAL A 75 -14.19 -9.17 -21.13
CA VAL A 75 -15.62 -9.21 -20.90
C VAL A 75 -16.15 -10.55 -21.38
N THR A 76 -16.94 -11.20 -20.54
CA THR A 76 -17.64 -12.44 -20.89
C THR A 76 -19.08 -12.33 -20.39
N LYS A 77 -19.96 -13.20 -20.89
CA LYS A 77 -21.35 -13.26 -20.45
C LYS A 77 -21.42 -13.48 -18.96
N GLU A 78 -20.54 -14.34 -18.46
CA GLU A 78 -20.56 -14.68 -17.05
C GLU A 78 -20.16 -13.47 -16.20
N LYS A 79 -19.16 -12.74 -16.64
CA LYS A 79 -18.70 -11.54 -15.94
C LYS A 79 -19.77 -10.45 -15.95
N ILE A 80 -20.49 -10.31 -17.05
CA ILE A 80 -21.57 -9.34 -17.12
C ILE A 80 -22.67 -9.68 -16.12
N GLN A 81 -23.02 -10.97 -16.07
CA GLN A 81 -24.05 -11.41 -15.14
C GLN A 81 -23.59 -11.26 -13.69
N GLU A 82 -22.34 -11.60 -13.41
CA GLU A 82 -21.81 -11.46 -12.06
C GLU A 82 -21.92 -10.00 -11.62
N ALA A 83 -21.51 -9.08 -12.49
CA ALA A 83 -21.58 -7.66 -12.18
C ALA A 83 -23.02 -7.19 -11.96
N LYS A 84 -23.92 -7.63 -12.84
CA LYS A 84 -25.33 -7.28 -12.72
C LYS A 84 -25.84 -7.69 -11.34
N ASP A 85 -25.53 -8.92 -10.94
CA ASP A 85 -25.97 -9.45 -9.65
C ASP A 85 -25.41 -8.68 -8.45
N VAL A 86 -24.10 -8.45 -8.45
CA VAL A 86 -23.44 -7.68 -7.41
C VAL A 86 -24.02 -6.26 -7.29
N TYR A 87 -24.08 -5.55 -8.40
CA TYR A 87 -24.53 -4.15 -8.37
C TYR A 87 -26.00 -4.01 -7.95
N LYS A 88 -26.81 -5.01 -8.25
CA LYS A 88 -28.22 -4.95 -7.85
C LYS A 88 -28.33 -4.86 -6.34
N GLU A 89 -27.49 -5.60 -5.62
CA GLU A 89 -27.49 -5.60 -4.18
C GLU A 89 -26.74 -4.39 -3.61
N HIS A 90 -25.63 -4.05 -4.26
CA HIS A 90 -24.76 -2.97 -3.79
C HIS A 90 -25.46 -1.60 -3.85
N PHE A 91 -26.22 -1.38 -4.92
CA PHE A 91 -26.99 -0.14 -5.11
C PHE A 91 -28.44 -0.24 -4.66
N GLN A 92 -28.91 -1.46 -4.42
CA GLN A 92 -30.31 -1.71 -4.09
C GLN A 92 -31.19 -1.16 -5.20
N ASP A 93 -30.69 -1.28 -6.42
CA ASP A 93 -31.28 -0.66 -7.60
C ASP A 93 -30.62 -1.30 -8.81
N ASP A 94 -31.22 -1.13 -9.99
CA ASP A 94 -30.78 -1.83 -11.21
C ASP A 94 -29.81 -1.04 -12.14
N VAL A 95 -29.22 0.02 -11.64
CA VAL A 95 -28.48 1.02 -12.45
C VAL A 95 -27.34 0.53 -13.41
N PHE A 96 -26.85 -0.69 -13.23
CA PHE A 96 -25.79 -1.20 -14.11
C PHE A 96 -26.04 -1.16 -15.65
N ASN A 97 -25.06 -0.67 -16.42
CA ASN A 97 -25.17 -0.56 -17.90
C ASN A 97 -24.90 -1.90 -18.63
N GLU A 98 -25.83 -2.83 -18.51
CA GLU A 98 -25.67 -4.14 -19.13
C GLU A 98 -25.54 -4.07 -20.64
N LYS A 99 -26.32 -3.19 -21.27
CA LYS A 99 -26.28 -3.01 -22.72
C LYS A 99 -24.92 -2.58 -23.23
N GLY A 100 -24.31 -1.61 -22.54
CA GLY A 100 -23.00 -1.12 -22.96
C GLY A 100 -21.95 -2.21 -22.96
N TRP A 101 -21.97 -3.05 -21.92
CA TRP A 101 -21.01 -4.14 -21.81
C TRP A 101 -21.32 -5.27 -22.79
N ASN A 102 -22.60 -5.52 -23.02
CA ASN A 102 -23.04 -6.51 -24.01
C ASN A 102 -22.54 -6.15 -25.40
N TYR A 103 -22.58 -4.85 -25.72
CA TYR A 103 -22.10 -4.35 -26.99
C TYR A 103 -20.62 -4.68 -27.20
N ILE A 104 -19.82 -4.47 -26.15
CA ILE A 104 -18.38 -4.78 -26.22
C ILE A 104 -18.16 -6.28 -26.42
N LEU A 105 -18.95 -7.08 -25.72
CA LEU A 105 -18.85 -8.53 -25.85
C LEU A 105 -19.18 -8.95 -27.28
N GLU A 106 -20.31 -8.47 -27.79
CA GLU A 106 -20.80 -8.90 -29.11
C GLU A 106 -19.98 -8.34 -30.28
N LYS A 107 -19.63 -7.07 -30.21
CA LYS A 107 -18.97 -6.41 -31.34
C LYS A 107 -17.45 -6.63 -31.36
N TYR A 108 -16.85 -6.71 -30.18
CA TYR A 108 -15.39 -6.75 -30.09
C TYR A 108 -14.84 -8.01 -29.45
N ASP A 109 -15.65 -9.06 -29.38
CA ASP A 109 -15.27 -10.28 -28.67
C ASP A 109 -14.72 -10.00 -27.26
N GLY A 110 -15.34 -9.04 -26.59
CA GLY A 110 -14.96 -8.72 -25.23
C GLY A 110 -13.68 -7.93 -25.05
N HIS A 111 -13.12 -7.38 -26.14
CA HIS A 111 -11.92 -6.55 -26.07
C HIS A 111 -12.30 -5.08 -25.91
N LEU A 112 -11.59 -4.36 -25.06
CA LEU A 112 -11.93 -2.96 -24.77
C LEU A 112 -11.64 -2.03 -25.93
N PRO A 113 -12.67 -1.33 -26.43
CA PRO A 113 -12.47 -0.39 -27.53
C PRO A 113 -11.92 0.94 -27.03
N ILE A 114 -10.66 0.88 -26.62
CA ILE A 114 -9.95 1.97 -25.97
C ILE A 114 -8.59 2.14 -26.63
N GLU A 115 -8.12 3.37 -26.76
CA GLU A 115 -6.74 3.59 -27.17
C GLU A 115 -5.98 4.36 -26.11
N ILE A 116 -4.81 3.85 -25.74
CA ILE A 116 -3.95 4.52 -24.76
C ILE A 116 -2.63 4.88 -25.37
N LYS A 117 -2.24 6.13 -25.20
CA LYS A 117 -0.94 6.61 -25.68
C LYS A 117 -0.14 7.06 -24.48
N ALA A 118 1.14 6.68 -24.41
CA ALA A 118 1.97 6.97 -23.23
C ALA A 118 3.42 7.33 -23.57
N VAL A 119 4.05 8.11 -22.70
CA VAL A 119 5.47 8.40 -22.79
C VAL A 119 6.17 7.06 -22.50
N PRO A 120 7.36 6.82 -23.09
CA PRO A 120 8.01 5.52 -22.86
C PRO A 120 8.36 5.27 -21.40
N GLU A 121 8.24 4.02 -20.98
CA GLU A 121 8.54 3.66 -19.59
C GLU A 121 10.00 3.88 -19.28
N GLY A 122 10.25 4.45 -18.11
CA GLY A 122 11.58 4.82 -17.69
C GLY A 122 11.90 6.28 -17.91
N PHE A 123 11.15 6.91 -18.82
CA PHE A 123 11.36 8.33 -19.12
C PHE A 123 11.24 9.16 -17.87
N VAL A 124 12.13 10.13 -17.75
CA VAL A 124 12.15 11.04 -16.61
C VAL A 124 11.58 12.37 -17.07
N ILE A 125 10.42 12.74 -16.53
CA ILE A 125 9.61 13.83 -17.06
C ILE A 125 9.29 14.82 -15.97
N PRO A 126 9.49 16.12 -16.22
CA PRO A 126 9.14 17.14 -15.22
C PRO A 126 7.63 17.12 -14.85
N ARG A 127 7.29 17.56 -13.64
CA ARG A 127 5.90 17.62 -13.17
C ARG A 127 5.05 18.45 -14.12
N GLY A 128 3.76 18.14 -14.20
CA GLY A 128 2.83 18.97 -14.94
C GLY A 128 2.80 18.67 -16.42
N ASN A 129 3.28 17.49 -16.80
CA ASN A 129 3.27 17.06 -18.18
C ASN A 129 2.35 15.86 -18.38
N VAL A 130 1.67 15.81 -19.53
CA VAL A 130 0.88 14.62 -19.85
C VAL A 130 1.80 13.40 -19.92
N LEU A 131 1.41 12.33 -19.23
CA LEU A 131 2.20 11.10 -19.21
C LEU A 131 1.50 10.00 -20.00
N PHE A 132 0.18 9.95 -19.93
CA PHE A 132 -0.59 9.11 -20.85
C PHE A 132 -2.00 9.65 -21.10
N THR A 133 -2.61 9.25 -22.21
CA THR A 133 -3.97 9.68 -22.53
C THR A 133 -4.80 8.46 -22.85
N VAL A 134 -6.11 8.56 -22.66
CA VAL A 134 -7.05 7.46 -22.86
C VAL A 134 -8.25 8.01 -23.58
N GLU A 135 -8.74 7.27 -24.58
CA GLU A 135 -9.97 7.64 -25.29
C GLU A 135 -10.65 6.39 -25.84
N ASN A 136 -11.96 6.45 -26.03
CA ASN A 136 -12.71 5.35 -26.63
C ASN A 136 -12.53 5.38 -28.14
N THR A 137 -12.50 4.20 -28.78
CA THR A 137 -12.36 4.14 -30.25
C THR A 137 -13.68 3.89 -30.95
N ASP A 138 -14.74 3.70 -30.20
CA ASP A 138 -16.08 3.47 -30.73
C ASP A 138 -17.05 4.39 -30.00
N PRO A 139 -17.86 5.15 -30.75
CA PRO A 139 -18.77 6.14 -30.15
C PRO A 139 -19.67 5.56 -29.07
N GLU A 140 -20.10 4.30 -29.21
CA GLU A 140 -20.97 3.70 -28.21
C GLU A 140 -20.28 3.57 -26.85
N CYS A 141 -18.95 3.63 -26.85
CA CYS A 141 -18.20 3.35 -25.64
C CYS A 141 -17.60 4.60 -24.99
N TYR A 142 -18.28 5.74 -25.19
CA TYR A 142 -17.87 7.02 -24.60
C TYR A 142 -17.67 6.89 -23.09
N TRP A 143 -18.47 6.02 -22.46
CA TRP A 143 -18.48 5.85 -21.00
C TRP A 143 -17.29 5.04 -20.48
N LEU A 144 -16.57 4.37 -21.38
CA LEU A 144 -15.58 3.41 -20.96
C LEU A 144 -14.25 4.07 -20.54
N THR A 145 -13.96 5.21 -21.16
CA THR A 145 -12.71 5.95 -20.92
C THR A 145 -12.51 6.16 -19.43
N ASN A 146 -13.54 6.66 -18.77
CA ASN A 146 -13.40 6.96 -17.36
C ASN A 146 -13.79 5.81 -16.42
N TRP A 147 -14.47 4.79 -16.94
CA TRP A 147 -14.69 3.55 -16.17
C TRP A 147 -13.34 3.02 -15.67
N ILE A 148 -12.33 3.06 -16.53
CA ILE A 148 -11.05 2.47 -16.20
C ILE A 148 -10.07 3.48 -15.60
N GLU A 149 -10.56 4.64 -15.19
CA GLU A 149 -9.72 5.59 -14.46
C GLU A 149 -9.12 4.96 -13.20
N THR A 150 -9.96 4.27 -12.43
CA THR A 150 -9.58 3.77 -11.10
C THR A 150 -8.38 2.83 -11.19
N ILE A 151 -8.47 1.88 -12.11
CA ILE A 151 -7.43 0.90 -12.27
C ILE A 151 -6.17 1.55 -12.84
N LEU A 152 -6.32 2.50 -13.77
CA LEU A 152 -5.15 3.15 -14.38
C LEU A 152 -4.46 4.11 -13.42
N VAL A 153 -5.24 4.76 -12.56
CA VAL A 153 -4.66 5.73 -11.63
C VAL A 153 -3.73 5.06 -10.60
N GLN A 154 -3.94 3.76 -10.36
CA GLN A 154 -3.06 3.01 -9.47
C GLN A 154 -1.61 2.95 -9.97
N SER A 155 -1.39 3.43 -11.19
CA SER A 155 -0.02 3.58 -11.70
C SER A 155 0.73 4.62 -10.86
N TRP A 156 0.02 5.37 -10.02
CA TRP A 156 0.68 6.37 -9.16
C TRP A 156 1.73 5.65 -8.31
N TYR A 157 1.46 4.40 -7.98
CA TYR A 157 2.30 3.70 -7.03
C TYR A 157 3.70 3.35 -7.60
N PRO A 158 3.78 2.57 -8.68
CA PRO A 158 5.11 2.32 -9.27
C PRO A 158 5.79 3.60 -9.76
N ILE A 159 5.03 4.58 -10.24
CA ILE A 159 5.63 5.87 -10.61
C ILE A 159 6.31 6.53 -9.40
N THR A 160 5.59 6.61 -8.28
CA THR A 160 6.10 7.30 -7.09
C THR A 160 7.23 6.54 -6.38
N VAL A 161 7.15 5.22 -6.38
CA VAL A 161 8.22 4.39 -5.83
C VAL A 161 9.48 4.52 -6.69
N ALA A 162 9.33 4.41 -8.01
CA ALA A 162 10.47 4.54 -8.91
C ALA A 162 11.10 5.93 -8.80
N THR A 163 10.26 6.94 -8.68
CA THR A 163 10.72 8.32 -8.52
C THR A 163 11.44 8.52 -7.19
N ASN A 164 10.80 8.11 -6.09
CA ASN A 164 11.41 8.29 -4.78
C ASN A 164 12.78 7.58 -4.64
N PHE A 165 12.88 6.37 -5.17
CA PHE A 165 14.16 5.66 -5.13
C PHE A 165 15.21 6.31 -6.03
N ARG A 166 14.79 6.88 -7.15
CA ARG A 166 15.71 7.61 -8.03
C ARG A 166 16.31 8.84 -7.31
N GLU A 167 15.49 9.51 -6.51
CA GLU A 167 15.96 10.68 -5.78
C GLU A 167 16.91 10.28 -4.65
N GLN A 168 16.67 9.12 -4.05
CA GLN A 168 17.60 8.61 -3.05
C GLN A 168 18.92 8.21 -3.72
N LYS A 169 18.81 7.68 -4.93
CA LYS A 169 20.00 7.32 -5.70
C LYS A 169 20.84 8.57 -6.03
N LYS A 170 20.19 9.69 -6.29
CA LYS A 170 20.90 10.94 -6.57
C LYS A 170 21.72 11.40 -5.38
N ILE A 171 21.15 11.27 -4.20
CA ILE A 171 21.85 11.60 -2.97
C ILE A 171 23.06 10.70 -2.73
N LEU A 172 22.86 9.39 -2.86
CA LEU A 172 23.95 8.44 -2.69
C LEU A 172 25.05 8.70 -3.70
N ALA A 173 24.66 8.92 -4.95
CA ALA A 173 25.63 9.20 -6.00
C ALA A 173 26.51 10.42 -5.66
N LYS A 174 25.87 11.50 -5.24
CA LYS A 174 26.56 12.75 -4.92
C LYS A 174 27.64 12.55 -3.86
N TYR A 175 27.25 11.91 -2.77
CA TYR A 175 28.14 11.65 -1.64
C TYR A 175 29.19 10.54 -1.88
N LEU A 176 28.81 9.51 -2.63
CA LEU A 176 29.76 8.48 -3.01
C LEU A 176 30.85 9.06 -3.93
N LEU A 177 30.43 9.88 -4.90
CA LEU A 177 31.37 10.54 -5.79
C LEU A 177 32.29 11.47 -5.01
N GLU A 178 31.70 12.25 -4.11
CA GLU A 178 32.50 13.22 -3.36
C GLU A 178 33.51 12.56 -2.42
N THR A 179 33.12 11.49 -1.75
CA THR A 179 34.00 10.87 -0.77
C THR A 179 34.93 9.77 -1.31
N SER A 180 34.69 9.31 -2.54
CA SER A 180 35.44 8.17 -3.08
C SER A 180 36.05 8.48 -4.45
N GLY A 181 35.46 9.44 -5.16
CA GLY A 181 35.93 9.81 -6.48
C GLY A 181 35.30 9.01 -7.61
N ASN A 182 34.42 8.07 -7.28
CA ASN A 182 33.76 7.29 -8.31
C ASN A 182 32.38 6.79 -7.84
N LEU A 183 31.70 6.03 -8.69
CA LEU A 183 30.36 5.56 -8.34
C LEU A 183 30.29 4.05 -8.22
N ASP A 184 31.44 3.42 -7.98
CA ASP A 184 31.49 1.96 -7.92
C ASP A 184 30.55 1.43 -6.83
N GLY A 185 29.73 0.46 -7.18
CA GLY A 185 28.83 -0.15 -6.21
C GLY A 185 27.57 0.66 -5.94
N LEU A 186 27.39 1.78 -6.64
CA LEU A 186 26.21 2.62 -6.41
C LEU A 186 24.88 1.85 -6.52
N GLU A 187 24.80 0.94 -7.48
CA GLU A 187 23.55 0.22 -7.71
C GLU A 187 23.22 -0.82 -6.62
N TYR A 188 24.12 -1.00 -5.64
CA TYR A 188 23.87 -1.90 -4.52
C TYR A 188 23.88 -1.16 -3.17
N LYS A 189 23.75 0.17 -3.19
CA LYS A 189 23.82 0.96 -1.95
C LYS A 189 22.49 1.13 -1.21
N LEU A 190 21.39 0.74 -1.86
CA LEU A 190 20.07 0.82 -1.22
C LEU A 190 19.29 -0.47 -1.51
N HIS A 191 19.28 -1.36 -0.52
CA HIS A 191 18.70 -2.68 -0.67
C HIS A 191 17.24 -2.64 -0.24
N ASP A 192 16.38 -3.32 -0.98
CA ASP A 192 14.96 -3.35 -0.62
C ASP A 192 14.72 -4.34 0.53
N PHE A 193 14.31 -3.81 1.68
CA PHE A 193 13.94 -4.62 2.85
C PHE A 193 12.41 -4.58 3.07
N GLY A 194 11.66 -4.00 2.15
CA GLY A 194 10.29 -3.58 2.47
C GLY A 194 9.15 -4.59 2.37
N TYR A 195 9.46 -5.85 2.05
CA TYR A 195 8.44 -6.87 1.75
C TYR A 195 7.35 -6.95 2.86
N ARG A 196 7.77 -7.10 4.11
CA ARG A 196 6.83 -7.29 5.22
C ARG A 196 6.04 -6.01 5.54
N GLY A 197 6.56 -4.88 5.09
CA GLY A 197 6.01 -3.58 5.45
C GLY A 197 5.04 -3.00 4.44
N VAL A 198 4.85 -3.69 3.32
CA VAL A 198 3.85 -3.25 2.35
C VAL A 198 2.50 -3.91 2.64
N SER A 199 1.47 -3.50 1.92
CA SER A 199 0.10 -3.83 2.26
C SER A 199 -0.38 -5.17 1.71
N SER A 200 0.35 -5.73 0.75
CA SER A 200 -0.11 -6.98 0.14
C SER A 200 0.98 -7.62 -0.71
N GLN A 201 0.75 -8.88 -1.07
CA GLN A 201 1.64 -9.59 -1.98
C GLN A 201 1.72 -8.89 -3.33
N GLU A 202 0.59 -8.44 -3.86
CA GLU A 202 0.62 -7.82 -5.18
C GLU A 202 1.43 -6.52 -5.13
N THR A 203 1.17 -5.72 -4.10
CA THR A 203 1.91 -4.48 -3.92
C THR A 203 3.41 -4.74 -3.79
N ALA A 204 3.77 -5.81 -3.07
CA ALA A 204 5.18 -6.14 -2.89
C ALA A 204 5.89 -6.33 -4.23
N GLY A 205 5.27 -7.08 -5.15
CA GLY A 205 5.87 -7.27 -6.46
C GLY A 205 5.99 -5.98 -7.26
N ILE A 206 4.93 -5.17 -7.23
CA ILE A 206 4.92 -3.93 -7.99
C ILE A 206 5.96 -2.96 -7.45
N GLY A 207 5.94 -2.76 -6.14
CA GLY A 207 6.89 -1.90 -5.47
C GLY A 207 8.35 -2.33 -5.67
N ALA A 208 8.61 -3.63 -5.54
CA ALA A 208 9.98 -4.12 -5.71
C ALA A 208 10.45 -3.87 -7.13
N SER A 209 9.55 -4.02 -8.10
CA SER A 209 9.91 -3.83 -9.50
C SER A 209 10.27 -2.36 -9.76
N ALA A 210 9.60 -1.44 -9.07
CA ALA A 210 9.91 -0.02 -9.22
C ALA A 210 11.24 0.35 -8.54
N HIS A 211 11.52 -0.29 -7.41
CA HIS A 211 12.82 -0.12 -6.76
C HIS A 211 13.93 -0.61 -7.69
N LEU A 212 13.68 -1.72 -8.38
CA LEU A 212 14.70 -2.34 -9.24
C LEU A 212 14.98 -1.57 -10.52
N VAL A 213 14.12 -0.60 -10.82
CA VAL A 213 14.40 0.34 -11.90
C VAL A 213 15.69 1.10 -11.58
N ASN A 214 15.94 1.27 -10.27
CA ASN A 214 17.06 2.09 -9.80
C ASN A 214 18.24 1.32 -9.19
N PHE A 215 17.95 0.17 -8.61
CA PHE A 215 18.97 -0.56 -7.86
C PHE A 215 18.91 -2.03 -8.20
N LYS A 216 19.91 -2.80 -7.75
CA LYS A 216 20.00 -4.22 -8.07
C LYS A 216 19.91 -5.16 -6.86
N GLY A 217 19.97 -4.61 -5.65
CA GLY A 217 19.91 -5.44 -4.46
C GLY A 217 18.52 -5.47 -3.83
N THR A 218 17.94 -6.65 -3.72
CA THR A 218 16.59 -6.76 -3.17
C THR A 218 16.36 -8.05 -2.37
N ASP A 219 15.58 -7.94 -1.30
CA ASP A 219 15.08 -9.12 -0.61
C ASP A 219 13.61 -9.38 -0.94
N THR A 220 13.04 -8.55 -1.80
CA THR A 220 11.62 -8.73 -2.13
C THR A 220 11.51 -9.53 -3.43
N VAL A 221 11.53 -10.85 -3.25
CA VAL A 221 11.57 -11.83 -4.32
C VAL A 221 10.43 -11.64 -5.32
N ALA A 222 9.27 -11.22 -4.82
CA ALA A 222 8.09 -11.00 -5.65
C ALA A 222 8.39 -10.11 -6.86
N GLY A 223 9.31 -9.15 -6.71
CA GLY A 223 9.64 -8.25 -7.81
C GLY A 223 10.23 -8.96 -9.03
N LEU A 224 10.97 -10.03 -8.80
CA LEU A 224 11.66 -10.74 -9.89
C LEU A 224 10.68 -11.39 -10.84
N ALA A 225 9.66 -12.04 -10.28
CA ALA A 225 8.67 -12.75 -11.09
C ALA A 225 7.85 -11.76 -11.93
N LEU A 226 7.51 -10.63 -11.32
CA LEU A 226 6.74 -9.62 -12.05
C LEU A 226 7.54 -9.11 -13.26
N ILE A 227 8.80 -8.76 -13.02
CA ILE A 227 9.66 -8.26 -14.09
C ILE A 227 9.82 -9.28 -15.22
N LYS A 228 10.08 -10.53 -14.86
CA LYS A 228 10.22 -11.58 -15.86
C LYS A 228 8.95 -11.77 -16.69
N LYS A 229 7.80 -11.68 -16.03
CA LYS A 229 6.52 -11.91 -16.71
C LYS A 229 6.07 -10.74 -17.59
N TYR A 230 6.26 -9.53 -17.11
CA TYR A 230 5.68 -8.35 -17.77
C TYR A 230 6.66 -7.44 -18.54
N TYR A 231 7.95 -7.59 -18.27
CA TYR A 231 8.95 -6.70 -18.85
C TYR A 231 10.13 -7.41 -19.52
N GLY A 232 10.84 -8.23 -18.76
CA GLY A 232 11.92 -9.02 -19.32
C GLY A 232 13.28 -8.37 -19.20
N THR A 233 14.29 -9.17 -18.86
CA THR A 233 15.68 -8.73 -18.83
C THR A 233 16.56 -9.73 -19.59
N LYS A 234 17.65 -9.23 -20.17
CA LYS A 234 18.67 -10.11 -20.77
C LYS A 234 19.27 -11.03 -19.70
N ASP A 235 19.68 -10.46 -18.57
CA ASP A 235 20.18 -11.27 -17.46
C ASP A 235 19.06 -12.15 -16.93
N PRO A 236 19.41 -13.31 -16.33
CA PRO A 236 18.39 -14.21 -15.77
C PRO A 236 17.47 -13.52 -14.76
N VAL A 237 18.02 -12.68 -13.89
CA VAL A 237 17.23 -11.96 -12.91
C VAL A 237 17.65 -10.49 -12.82
N PRO A 238 16.72 -9.60 -12.48
CA PRO A 238 17.01 -8.16 -12.34
C PRO A 238 17.61 -7.77 -10.99
N GLY A 239 17.54 -8.66 -10.00
CA GLY A 239 17.96 -8.34 -8.66
C GLY A 239 18.61 -9.46 -7.87
N TYR A 240 19.38 -9.09 -6.85
CA TYR A 240 20.26 -10.03 -6.16
C TYR A 240 20.25 -9.84 -4.66
N SER A 241 20.69 -10.87 -3.93
CA SER A 241 20.96 -10.72 -2.51
C SER A 241 22.08 -11.65 -2.05
N VAL A 242 22.40 -11.57 -0.76
CA VAL A 242 23.44 -12.40 -0.14
C VAL A 242 22.95 -12.85 1.24
N PRO A 243 23.58 -13.91 1.80
CA PRO A 243 23.14 -14.43 3.10
C PRO A 243 23.24 -13.41 4.22
N ALA A 244 22.37 -13.53 5.20
CA ALA A 244 22.38 -12.64 6.34
C ALA A 244 21.58 -13.24 7.46
N ALA A 245 21.90 -12.84 8.69
CA ALA A 245 21.15 -13.26 9.86
C ALA A 245 19.91 -12.38 10.07
N GLU A 246 19.02 -12.82 10.95
CA GLU A 246 17.98 -11.96 11.49
C GLU A 246 18.10 -12.10 12.99
N HIS A 247 17.34 -11.31 13.75
CA HIS A 247 17.50 -11.39 15.19
C HIS A 247 17.27 -12.81 15.71
N SER A 248 16.27 -13.49 15.13
CA SER A 248 15.95 -14.85 15.58
C SER A 248 17.12 -15.84 15.48
N THR A 249 17.95 -15.72 14.44
CA THR A 249 19.04 -16.69 14.30
C THR A 249 20.23 -16.37 15.19
N ILE A 250 20.23 -15.16 15.77
CA ILE A 250 21.14 -14.81 16.84
C ILE A 250 20.54 -15.15 18.21
N THR A 251 19.33 -14.67 18.49
CA THR A 251 18.76 -14.82 19.83
C THR A 251 18.45 -16.27 20.19
N ALA A 252 18.21 -17.11 19.19
CA ALA A 252 17.88 -18.51 19.42
C ALA A 252 19.01 -19.26 20.15
N TRP A 253 20.23 -18.74 20.05
CA TRP A 253 21.39 -19.31 20.75
C TRP A 253 21.40 -19.05 22.25
N GLY A 254 20.55 -18.14 22.69
CA GLY A 254 20.50 -17.73 24.09
C GLY A 254 21.29 -16.47 24.33
N LYS A 255 20.83 -15.68 25.29
CA LYS A 255 21.42 -14.36 25.56
C LYS A 255 22.91 -14.40 25.91
N ASP A 256 23.39 -15.52 26.44
CA ASP A 256 24.81 -15.66 26.79
C ASP A 256 25.68 -16.14 25.64
N HIS A 257 25.06 -16.39 24.49
CA HIS A 257 25.80 -17.05 23.42
C HIS A 257 25.77 -16.29 22.10
N GLU A 258 25.67 -14.97 22.18
CA GLU A 258 25.71 -14.15 20.97
C GLU A 258 26.99 -14.42 20.18
N LYS A 259 28.11 -14.52 20.89
CA LYS A 259 29.40 -14.76 20.22
C LYS A 259 29.36 -16.08 19.46
N ASP A 260 28.78 -17.10 20.09
CA ASP A 260 28.68 -18.40 19.44
C ASP A 260 27.84 -18.29 18.17
N ALA A 261 26.77 -17.50 18.24
CA ALA A 261 25.91 -17.32 17.07
C ALA A 261 26.68 -16.67 15.92
N PHE A 262 27.38 -15.57 16.23
CA PHE A 262 28.17 -14.84 15.24
C PHE A 262 29.21 -15.77 14.58
N GLU A 263 29.97 -16.47 15.42
CA GLU A 263 31.00 -17.37 14.91
C GLU A 263 30.44 -18.46 14.01
N HIS A 264 29.36 -19.11 14.45
CA HIS A 264 28.71 -20.13 13.63
C HIS A 264 28.31 -19.55 12.26
N ILE A 265 27.68 -18.38 12.29
CA ILE A 265 27.14 -17.79 11.07
C ILE A 265 28.23 -17.36 10.09
N VAL A 266 29.27 -16.68 10.59
CA VAL A 266 30.32 -16.25 9.67
C VAL A 266 31.13 -17.43 9.15
N THR A 267 31.16 -18.52 9.91
CA THR A 267 31.88 -19.72 9.47
C THR A 267 31.06 -20.48 8.42
N GLN A 268 29.75 -20.54 8.62
CA GLN A 268 28.84 -21.12 7.63
C GLN A 268 28.95 -20.39 6.30
N PHE A 269 29.16 -19.09 6.36
CA PHE A 269 29.23 -18.28 5.13
C PHE A 269 30.60 -17.62 5.03
N SER A 270 31.63 -18.45 4.98
CA SER A 270 33.01 -17.99 5.09
C SER A 270 33.52 -17.41 3.77
N SER A 271 32.86 -17.78 2.66
CA SER A 271 33.39 -17.48 1.33
C SER A 271 32.48 -16.61 0.49
N VAL A 272 31.36 -16.18 1.08
CA VAL A 272 30.45 -15.26 0.39
C VAL A 272 30.22 -14.08 1.33
N PRO A 273 29.74 -12.94 0.79
CA PRO A 273 29.43 -11.83 1.71
C PRO A 273 28.38 -12.27 2.72
N VAL A 274 28.47 -11.81 3.96
CA VAL A 274 27.42 -12.13 4.93
C VAL A 274 27.15 -10.92 5.78
N SER A 275 25.86 -10.63 6.00
CA SER A 275 25.51 -9.53 6.88
C SER A 275 24.96 -10.10 8.19
N VAL A 276 25.38 -9.53 9.30
CA VAL A 276 25.01 -10.06 10.60
C VAL A 276 24.52 -8.95 11.52
N VAL A 277 23.23 -9.01 11.89
CA VAL A 277 22.64 -7.99 12.74
C VAL A 277 23.28 -8.08 14.13
N SER A 278 23.71 -6.95 14.67
CA SER A 278 24.61 -7.01 15.81
C SER A 278 24.10 -6.26 17.03
N ASP A 279 22.82 -5.87 17.00
CA ASP A 279 22.26 -5.05 18.07
C ASP A 279 21.26 -5.77 18.98
N SER A 280 21.26 -7.10 18.98
CA SER A 280 20.27 -7.87 19.76
C SER A 280 20.24 -7.48 21.23
N TYR A 281 21.42 -7.17 21.78
CA TYR A 281 21.56 -6.88 23.20
C TYR A 281 22.34 -5.58 23.40
N ASP A 282 23.48 -5.45 22.72
CA ASP A 282 24.32 -4.26 22.86
C ASP A 282 25.21 -4.13 21.63
N ILE A 283 24.78 -3.29 20.68
CA ILE A 283 25.50 -3.09 19.42
C ILE A 283 26.95 -2.63 19.62
N TYR A 284 27.19 -1.84 20.66
CA TYR A 284 28.51 -1.26 20.87
C TYR A 284 29.48 -2.28 21.43
N ASN A 285 28.99 -3.09 22.36
CA ASN A 285 29.74 -4.25 22.85
C ASN A 285 30.01 -5.25 21.73
N ALA A 286 28.99 -5.52 20.91
CA ALA A 286 29.14 -6.49 19.83
C ALA A 286 30.24 -6.07 18.87
N CYS A 287 30.27 -4.79 18.53
CA CYS A 287 31.27 -4.28 17.58
C CYS A 287 32.66 -4.23 18.20
N GLU A 288 32.76 -3.75 19.43
CA GLU A 288 34.07 -3.50 20.02
C GLU A 288 34.70 -4.77 20.57
N LYS A 289 33.89 -5.59 21.25
CA LYS A 289 34.43 -6.74 21.96
C LYS A 289 34.26 -8.07 21.23
N ILE A 290 33.10 -8.29 20.62
CA ILE A 290 32.84 -9.57 19.98
C ILE A 290 33.52 -9.60 18.60
N TRP A 291 33.09 -8.73 17.69
CA TRP A 291 33.72 -8.63 16.38
C TRP A 291 35.13 -8.09 16.51
N GLY A 292 35.30 -7.06 17.34
CA GLY A 292 36.55 -6.32 17.40
C GLY A 292 37.68 -6.98 18.17
N GLU A 293 37.36 -8.01 18.96
CA GLU A 293 38.37 -8.71 19.77
C GLU A 293 38.23 -10.23 19.69
N ASP A 294 37.14 -10.76 20.24
CA ASP A 294 36.95 -12.22 20.32
C ASP A 294 36.96 -12.91 18.95
N LEU A 295 36.28 -12.32 17.98
CA LEU A 295 36.14 -12.97 16.67
C LEU A 295 36.93 -12.28 15.57
N ARG A 296 37.74 -11.29 15.93
CA ARG A 296 38.48 -10.48 14.96
C ARG A 296 39.28 -11.33 13.97
N HIS A 297 39.78 -12.48 14.44
CA HIS A 297 40.62 -13.35 13.63
C HIS A 297 39.82 -13.99 12.50
N LEU A 298 38.51 -14.12 12.70
CA LEU A 298 37.62 -14.69 11.70
C LEU A 298 37.19 -13.64 10.68
N ILE A 299 37.42 -12.38 11.02
CA ILE A 299 37.03 -11.28 10.15
C ILE A 299 38.18 -10.86 9.23
N VAL A 300 39.35 -10.62 9.79
CA VAL A 300 40.48 -10.12 9.01
C VAL A 300 41.02 -11.13 7.98
N SER A 301 40.60 -12.39 8.13
CA SER A 301 40.99 -13.47 7.23
C SER A 301 40.08 -13.55 6.00
N ARG A 302 38.94 -12.86 6.06
CA ARG A 302 37.98 -12.89 4.96
C ARG A 302 38.45 -12.22 3.66
N SER A 303 37.99 -12.76 2.55
CA SER A 303 38.26 -12.21 1.23
C SER A 303 37.51 -10.90 0.97
N THR A 304 38.07 -10.09 0.09
CA THR A 304 37.44 -8.85 -0.37
C THR A 304 36.11 -9.13 -1.08
N GLN A 305 35.99 -10.34 -1.64
CA GLN A 305 34.72 -10.72 -2.27
C GLN A 305 33.71 -11.29 -1.28
N ALA A 306 34.09 -11.39 -0.01
CA ALA A 306 33.21 -11.96 1.01
C ALA A 306 33.29 -11.18 2.31
N PRO A 307 33.00 -9.87 2.28
CA PRO A 307 33.11 -9.13 3.54
C PRO A 307 32.04 -9.52 4.56
N LEU A 308 32.33 -9.21 5.82
CA LEU A 308 31.30 -9.21 6.84
C LEU A 308 30.63 -7.85 6.79
N ILE A 309 29.31 -7.85 6.80
CA ILE A 309 28.60 -6.58 6.80
C ILE A 309 27.81 -6.45 8.10
N ILE A 310 28.29 -5.58 8.99
CA ILE A 310 27.69 -5.42 10.30
C ILE A 310 26.42 -4.58 10.20
N ARG A 311 25.34 -5.06 10.81
CA ARG A 311 24.08 -4.35 10.76
C ARG A 311 23.58 -3.90 12.14
N PRO A 312 23.77 -2.62 12.45
CA PRO A 312 23.06 -2.07 13.61
C PRO A 312 21.59 -1.95 13.20
N ASP A 313 20.67 -1.80 14.13
CA ASP A 313 19.25 -1.83 13.78
C ASP A 313 18.38 -1.12 14.81
N SER A 314 18.97 -0.20 15.58
CA SER A 314 18.21 0.52 16.60
C SER A 314 19.00 1.73 17.08
N GLY A 315 18.32 2.63 17.79
CA GLY A 315 18.94 3.88 18.19
C GLY A 315 18.78 4.90 17.07
N ASN A 316 19.21 6.13 17.34
CA ASN A 316 19.24 7.16 16.33
C ASN A 316 20.14 6.70 15.18
N PRO A 317 19.59 6.64 13.96
CA PRO A 317 20.32 6.09 12.80
C PRO A 317 21.67 6.76 12.56
N LEU A 318 21.69 8.09 12.56
CA LEU A 318 22.95 8.79 12.35
C LEU A 318 23.95 8.55 13.47
N ASP A 319 23.54 8.75 14.72
CA ASP A 319 24.46 8.62 15.85
C ASP A 319 24.98 7.19 15.96
N THR A 320 24.12 6.23 15.67
CA THR A 320 24.51 4.83 15.79
C THR A 320 25.51 4.45 14.71
N VAL A 321 25.24 4.86 13.48
CA VAL A 321 26.17 4.63 12.37
C VAL A 321 27.57 5.22 12.64
N LEU A 322 27.62 6.48 13.07
CA LEU A 322 28.91 7.12 13.36
C LEU A 322 29.64 6.44 14.51
N LYS A 323 28.88 6.01 15.53
CA LYS A 323 29.51 5.38 16.69
C LYS A 323 30.05 4.01 16.31
N VAL A 324 29.29 3.29 15.49
CA VAL A 324 29.74 1.99 14.99
C VAL A 324 31.02 2.11 14.14
N LEU A 325 31.05 3.10 13.24
CA LEU A 325 32.26 3.35 12.44
C LEU A 325 33.45 3.74 13.33
N GLU A 326 33.20 4.58 14.32
CA GLU A 326 34.24 5.02 15.23
C GLU A 326 34.81 3.82 16.00
N ILE A 327 33.93 2.94 16.45
CA ILE A 327 34.35 1.72 17.13
C ILE A 327 35.21 0.82 16.23
N LEU A 328 34.69 0.51 15.05
CA LEU A 328 35.38 -0.39 14.12
C LEU A 328 36.72 0.22 13.67
N GLY A 329 36.74 1.54 13.51
CA GLY A 329 37.93 2.24 13.07
C GLY A 329 39.07 2.10 14.06
N LYS A 330 38.74 1.83 15.32
CA LYS A 330 39.78 1.67 16.33
C LYS A 330 40.15 0.21 16.56
N LYS A 331 39.36 -0.71 16.04
CA LYS A 331 39.67 -2.12 16.20
C LYS A 331 40.24 -2.74 14.92
N PHE A 332 40.02 -2.07 13.80
CA PHE A 332 40.46 -2.58 12.50
C PHE A 332 41.31 -1.54 11.78
N PRO A 333 42.17 -2.01 10.88
CA PRO A 333 43.08 -1.09 10.17
C PRO A 333 42.35 -0.20 9.15
N VAL A 334 42.24 1.09 9.46
CA VAL A 334 41.60 2.03 8.56
C VAL A 334 42.62 2.72 7.65
N THR A 335 42.27 2.87 6.38
CA THR A 335 43.12 3.65 5.49
C THR A 335 42.45 4.97 5.17
N GLU A 336 43.16 5.84 4.47
CA GLU A 336 42.59 7.10 4.04
C GLU A 336 42.69 7.12 2.53
N ASN A 337 41.54 7.24 1.85
CA ASN A 337 41.54 7.20 0.40
C ASN A 337 42.05 8.49 -0.22
N SER A 338 42.14 8.51 -1.55
CA SER A 338 42.76 9.65 -2.23
C SER A 338 41.99 10.96 -2.04
N LYS A 339 40.73 10.85 -1.62
CA LYS A 339 39.89 12.03 -1.36
C LYS A 339 40.05 12.54 0.08
N GLY A 340 40.75 11.77 0.91
CA GLY A 340 40.97 12.16 2.29
C GLY A 340 39.98 11.58 3.29
N TYR A 341 39.15 10.64 2.83
CA TYR A 341 38.16 10.02 3.69
C TYR A 341 38.58 8.65 4.21
N LYS A 342 38.16 8.34 5.42
CA LYS A 342 38.49 7.08 6.05
C LYS A 342 37.73 5.90 5.44
N LEU A 343 38.42 4.78 5.31
CA LEU A 343 37.88 3.59 4.64
C LEU A 343 38.23 2.35 5.46
N LEU A 344 37.20 1.59 5.83
CA LEU A 344 37.41 0.32 6.54
C LEU A 344 38.15 -0.63 5.62
N PRO A 345 38.84 -1.64 6.19
CA PRO A 345 39.46 -2.65 5.32
C PRO A 345 38.37 -3.37 4.50
N PRO A 346 38.74 -3.91 3.33
CA PRO A 346 37.74 -4.40 2.36
C PRO A 346 36.89 -5.58 2.84
N TYR A 347 37.30 -6.25 3.91
CA TYR A 347 36.57 -7.42 4.40
C TYR A 347 35.49 -7.01 5.40
N LEU A 348 35.33 -5.70 5.60
CA LEU A 348 34.44 -5.20 6.64
C LEU A 348 33.60 -4.00 6.17
N ARG A 349 32.28 -4.13 6.26
CA ARG A 349 31.38 -3.06 5.84
C ARG A 349 30.21 -2.94 6.81
N VAL A 350 29.38 -1.93 6.61
CA VAL A 350 28.25 -1.68 7.49
C VAL A 350 26.99 -1.47 6.66
N ILE A 351 25.84 -1.91 7.19
CA ILE A 351 24.56 -1.62 6.55
C ILE A 351 23.58 -1.09 7.59
N GLN A 352 22.90 0.00 7.25
CA GLN A 352 21.92 0.58 8.15
C GLN A 352 20.56 0.44 7.48
N GLY A 353 19.65 -0.33 8.08
CA GLY A 353 18.35 -0.56 7.49
C GLY A 353 17.16 -0.13 8.33
N ASP A 354 17.42 0.62 9.39
CA ASP A 354 16.38 1.05 10.33
C ASP A 354 16.17 2.56 10.26
N GLY A 355 14.95 2.97 9.92
CA GLY A 355 14.57 4.36 9.89
C GLY A 355 15.12 5.12 8.70
N VAL A 356 15.47 4.39 7.64
CA VAL A 356 16.07 5.04 6.46
C VAL A 356 15.01 5.43 5.43
N ASP A 357 14.62 6.69 5.46
CA ASP A 357 13.85 7.25 4.36
C ASP A 357 14.77 8.25 3.68
N ILE A 358 14.22 9.00 2.73
CA ILE A 358 15.03 9.94 1.96
C ILE A 358 15.65 11.06 2.82
N ASN A 359 14.91 11.56 3.80
CA ASN A 359 15.45 12.60 4.69
C ASN A 359 16.60 12.08 5.55
N THR A 360 16.44 10.88 6.10
CA THR A 360 17.46 10.37 7.02
C THR A 360 18.67 9.81 6.26
N LEU A 361 18.43 9.29 5.05
CA LEU A 361 19.51 8.89 4.16
C LEU A 361 20.47 10.05 3.95
N GLN A 362 19.91 11.20 3.61
CA GLN A 362 20.66 12.44 3.47
C GLN A 362 21.42 12.84 4.74
N GLU A 363 20.73 12.77 5.87
CA GLU A 363 21.32 13.15 7.14
C GLU A 363 22.54 12.26 7.47
N ILE A 364 22.42 10.97 7.19
CA ILE A 364 23.49 10.03 7.48
C ILE A 364 24.70 10.27 6.57
N VAL A 365 24.50 10.38 5.27
CA VAL A 365 25.66 10.51 4.38
C VAL A 365 26.37 11.85 4.64
N GLU A 366 25.59 12.88 4.95
CA GLU A 366 26.17 14.19 5.25
C GLU A 366 26.92 14.14 6.57
N GLY A 367 26.34 13.45 7.55
CA GLY A 367 26.99 13.26 8.84
C GLY A 367 28.28 12.47 8.73
N MET A 368 28.27 11.43 7.90
CA MET A 368 29.49 10.66 7.60
C MET A 368 30.54 11.53 6.91
N LYS A 369 30.12 12.31 5.92
CA LYS A 369 31.06 13.18 5.23
C LYS A 369 31.74 14.16 6.21
N GLN A 370 30.95 14.71 7.14
CA GLN A 370 31.48 15.66 8.11
C GLN A 370 32.50 15.00 9.02
N LYS A 371 32.32 13.72 9.28
CA LYS A 371 33.22 13.00 10.16
C LYS A 371 34.33 12.31 9.37
N MET A 372 34.43 12.66 8.09
CA MET A 372 35.48 12.16 7.19
C MET A 372 35.42 10.65 6.93
N TRP A 373 34.21 10.08 6.95
CA TRP A 373 34.03 8.68 6.57
C TRP A 373 33.51 8.56 5.15
N SER A 374 34.14 7.71 4.35
CA SER A 374 33.69 7.49 2.98
C SER A 374 32.36 6.78 2.94
N ILE A 375 31.55 7.08 1.93
CA ILE A 375 30.27 6.38 1.72
C ILE A 375 30.50 4.95 1.22
N GLU A 376 31.71 4.68 0.73
CA GLU A 376 32.12 3.30 0.39
C GLU A 376 31.91 2.32 1.54
N ASN A 377 32.01 2.82 2.77
CA ASN A 377 31.89 1.97 3.95
C ASN A 377 30.49 1.42 4.21
N ILE A 378 29.49 2.12 3.68
CA ILE A 378 28.13 1.86 4.13
C ILE A 378 27.17 1.54 2.99
N ALA A 379 26.17 0.74 3.29
CA ALA A 379 25.03 0.53 2.41
C ALA A 379 23.78 0.74 3.25
N PHE A 380 22.64 0.90 2.60
CA PHE A 380 21.39 1.14 3.32
C PHE A 380 20.34 0.13 2.93
N GLY A 381 19.35 -0.05 3.80
CA GLY A 381 18.21 -0.89 3.50
C GLY A 381 16.96 -0.05 3.66
N SER A 382 15.99 -0.27 2.80
CA SER A 382 14.78 0.53 2.81
C SER A 382 13.59 -0.31 3.26
N GLY A 383 12.87 0.20 4.25
CA GLY A 383 11.64 -0.44 4.68
C GLY A 383 11.45 -0.49 6.18
N GLN A 388 6.82 6.85 7.57
CA GLN A 388 5.93 7.49 6.61
C GLN A 388 5.90 6.73 5.29
N LYS A 389 4.79 6.84 4.57
CA LYS A 389 4.61 6.13 3.31
C LYS A 389 4.42 7.11 2.15
N LEU A 390 4.70 6.65 0.93
CA LEU A 390 4.45 7.44 -0.27
C LEU A 390 2.95 7.39 -0.58
N THR A 391 2.36 8.51 -0.98
CA THR A 391 0.95 8.52 -1.40
C THR A 391 0.78 9.11 -2.79
N ARG A 392 -0.44 8.97 -3.31
CA ARG A 392 -0.81 9.54 -4.59
C ARG A 392 -0.71 11.07 -4.57
N ASP A 393 -0.79 11.65 -3.37
CA ASP A 393 -0.67 13.11 -3.21
C ASP A 393 0.76 13.62 -3.36
N LEU A 394 1.75 12.76 -3.15
CA LEU A 394 3.15 13.18 -3.20
C LEU A 394 3.52 13.84 -4.54
N LEU A 395 3.15 13.19 -5.65
CA LEU A 395 3.39 13.77 -6.98
C LEU A 395 2.11 14.27 -7.65
N ASN A 396 1.02 14.27 -6.89
CA ASN A 396 -0.28 14.71 -7.39
C ASN A 396 -0.70 13.99 -8.65
N CYS A 397 -0.56 12.67 -8.62
CA CYS A 397 -0.93 11.83 -9.74
C CYS A 397 -2.44 11.87 -9.94
N SER A 398 -2.89 12.28 -11.12
CA SER A 398 -4.30 12.56 -11.33
C SER A 398 -4.75 12.32 -12.77
N PHE A 399 -5.99 11.86 -12.93
CA PHE A 399 -6.56 11.48 -14.22
C PHE A 399 -7.77 12.38 -14.43
N LYS A 400 -7.80 13.10 -15.55
CA LYS A 400 -8.86 14.08 -15.81
C LYS A 400 -9.30 14.07 -17.27
N CYS A 401 -10.59 14.32 -17.49
CA CYS A 401 -11.13 14.46 -18.84
C CYS A 401 -10.81 15.85 -19.40
N SER A 402 -10.23 15.91 -20.59
CA SER A 402 -9.81 17.19 -21.17
C SER A 402 -10.50 17.49 -22.51
N TYR A 403 -11.20 16.49 -23.07
CA TYR A 403 -11.78 16.67 -24.40
C TYR A 403 -12.94 15.72 -24.61
N VAL A 404 -14.03 16.24 -25.16
CA VAL A 404 -15.16 15.39 -25.53
C VAL A 404 -15.67 15.81 -26.90
N VAL A 405 -16.37 14.91 -27.57
CA VAL A 405 -17.08 15.26 -28.79
C VAL A 405 -18.57 15.03 -28.55
N THR A 406 -19.36 16.08 -28.75
CA THR A 406 -20.80 16.00 -28.48
C THR A 406 -21.52 16.59 -29.70
N ASN A 407 -22.47 15.85 -30.26
CA ASN A 407 -23.14 16.26 -31.49
C ASN A 407 -22.15 16.57 -32.60
N GLY A 408 -21.05 15.83 -32.62
CA GLY A 408 -20.04 15.99 -33.65
C GLY A 408 -19.08 17.15 -33.42
N LEU A 409 -19.25 17.90 -32.34
CA LEU A 409 -18.37 19.04 -32.07
C LEU A 409 -17.36 18.76 -30.94
N GLY A 410 -16.08 18.96 -31.21
CA GLY A 410 -15.09 18.80 -30.17
C GLY A 410 -15.18 19.97 -29.20
N ILE A 411 -15.19 19.69 -27.91
CA ILE A 411 -15.08 20.79 -26.96
C ILE A 411 -14.00 20.52 -25.91
N ASN A 412 -13.25 21.57 -25.58
CA ASN A 412 -12.14 21.46 -24.64
C ASN A 412 -12.71 21.62 -23.23
N VAL A 413 -12.51 20.63 -22.37
CA VAL A 413 -13.10 20.67 -21.03
C VAL A 413 -12.05 20.53 -19.94
N PHE A 414 -12.43 20.90 -18.73
CA PHE A 414 -11.47 21.05 -17.63
C PHE A 414 -12.20 21.44 -16.36
N LYS A 415 -11.54 21.24 -15.22
CA LYS A 415 -12.01 21.80 -13.96
C LYS A 415 -11.11 22.98 -13.56
N ASP A 416 -11.63 23.89 -12.74
CA ASP A 416 -10.83 25.03 -12.28
C ASP A 416 -11.46 25.58 -11.01
N PRO A 417 -11.31 24.84 -9.89
CA PRO A 417 -12.01 25.20 -8.65
C PRO A 417 -11.56 26.57 -8.15
N VAL A 418 -12.50 27.40 -7.75
CA VAL A 418 -12.17 28.77 -7.37
C VAL A 418 -11.16 28.87 -6.20
N ALA A 419 -11.27 27.98 -5.24
CA ALA A 419 -10.44 28.08 -4.04
C ALA A 419 -9.13 27.32 -4.15
N ASP A 420 -8.88 26.67 -5.30
CA ASP A 420 -7.62 25.94 -5.45
C ASP A 420 -7.15 25.85 -6.90
N PRO A 421 -6.43 26.87 -7.37
CA PRO A 421 -5.83 26.93 -8.70
C PRO A 421 -4.92 25.73 -8.99
N ASN A 422 -4.34 25.15 -7.94
CA ASN A 422 -3.47 23.99 -8.10
C ASN A 422 -4.19 22.77 -8.67
N LYS A 423 -5.51 22.76 -8.54
CA LYS A 423 -6.34 21.65 -9.05
C LYS A 423 -6.90 21.91 -10.43
N ARG A 424 -6.49 23.02 -11.07
CA ARG A 424 -6.91 23.30 -12.43
C ARG A 424 -6.38 22.20 -13.34
N SER A 425 -7.19 21.75 -14.30
CA SER A 425 -6.74 20.69 -15.20
C SER A 425 -6.50 21.20 -16.63
N LYS A 426 -5.86 20.39 -17.46
CA LYS A 426 -5.51 20.82 -18.81
C LYS A 426 -6.70 20.74 -19.77
N LYS A 427 -6.64 21.46 -20.88
CA LYS A 427 -7.76 21.55 -21.83
C LYS A 427 -7.45 20.94 -23.19
N GLY A 428 -8.40 20.16 -23.71
CA GLY A 428 -8.35 19.70 -25.08
C GLY A 428 -7.45 18.51 -25.33
N ARG A 429 -7.23 18.22 -26.60
CA ARG A 429 -6.34 17.13 -26.98
C ARG A 429 -4.90 17.51 -26.64
N LEU A 430 -4.17 16.57 -26.05
CA LEU A 430 -2.84 16.86 -25.55
C LEU A 430 -1.76 16.13 -26.34
N SER A 431 -0.54 16.65 -26.25
CA SER A 431 0.62 15.98 -26.80
C SER A 431 1.86 16.48 -26.07
N LEU A 432 2.91 15.66 -26.07
CA LEU A 432 4.13 15.91 -25.32
C LEU A 432 5.30 16.06 -26.29
N HIS A 433 6.11 17.10 -26.12
CA HIS A 433 7.13 17.44 -27.10
C HIS A 433 8.42 17.88 -26.46
N ARG A 434 9.51 17.78 -27.21
CA ARG A 434 10.78 18.36 -26.80
C ARG A 434 10.73 19.83 -27.09
N THR A 435 11.26 20.64 -26.19
CA THR A 435 11.41 22.07 -26.44
C THR A 435 12.71 22.28 -27.24
N PRO A 436 12.90 23.47 -27.83
CA PRO A 436 14.18 23.73 -28.51
C PRO A 436 15.39 23.55 -27.62
N ALA A 437 15.26 23.79 -26.31
CA ALA A 437 16.40 23.65 -25.41
C ALA A 437 16.56 22.23 -24.89
N GLY A 438 15.71 21.33 -25.37
CA GLY A 438 15.83 19.92 -25.00
C GLY A 438 14.99 19.51 -23.80
N ASN A 439 14.13 20.40 -23.32
CA ASN A 439 13.24 20.06 -22.22
C ASN A 439 11.92 19.50 -22.73
N PHE A 440 10.92 19.47 -21.85
CA PHE A 440 9.62 18.91 -22.21
C PHE A 440 8.55 19.99 -22.16
N VAL A 441 7.56 19.87 -23.04
CA VAL A 441 6.40 20.72 -22.97
C VAL A 441 5.13 19.96 -23.39
N THR A 442 4.05 20.22 -22.67
CA THR A 442 2.74 19.65 -22.99
C THR A 442 1.92 20.71 -23.70
N LEU A 443 1.49 20.41 -24.93
CA LEU A 443 0.62 21.31 -25.67
C LEU A 443 -0.84 20.93 -25.51
N GLU A 444 -1.65 21.95 -25.26
CA GLU A 444 -3.08 21.76 -25.01
C GLU A 444 -3.86 22.20 -26.24
N GLU A 445 -5.17 21.97 -26.19
CA GLU A 445 -6.11 22.43 -27.21
C GLU A 445 -5.75 21.96 -28.61
N GLY A 446 -5.13 20.79 -28.71
CA GLY A 446 -4.77 20.23 -30.00
C GLY A 446 -3.66 20.98 -30.73
N LYS A 447 -3.00 21.89 -30.03
CA LYS A 447 -1.93 22.68 -30.64
C LYS A 447 -0.76 21.85 -31.18
N GLY A 448 -0.66 20.61 -30.73
CA GLY A 448 0.31 19.69 -31.30
C GLY A 448 0.12 19.50 -32.80
N ASP A 449 -1.12 19.66 -33.26
CA ASP A 449 -1.46 19.48 -34.66
C ASP A 449 -0.80 20.51 -35.58
N LEU A 450 -0.48 21.68 -35.03
CA LEU A 450 0.27 22.69 -35.76
C LEU A 450 1.68 22.26 -36.17
N GLU A 451 2.16 21.18 -35.56
CA GLU A 451 3.49 20.65 -35.88
C GLU A 451 4.65 21.66 -35.75
N GLU A 452 4.55 22.56 -34.77
CA GLU A 452 5.61 23.52 -34.50
C GLU A 452 6.65 22.98 -33.53
N TYR A 453 6.34 21.87 -32.86
CA TYR A 453 7.23 21.35 -31.83
C TYR A 453 7.67 19.91 -32.07
N GLY A 454 7.81 19.52 -33.32
CA GLY A 454 8.31 18.19 -33.60
C GLY A 454 7.37 17.08 -33.15
N GLN A 455 7.89 15.86 -33.09
CA GLN A 455 7.04 14.69 -32.88
C GLN A 455 6.48 14.57 -31.47
N ASP A 456 5.19 14.28 -31.38
CA ASP A 456 4.55 13.85 -30.12
C ASP A 456 5.36 12.69 -29.55
N LEU A 457 5.72 12.79 -28.27
CA LEU A 457 6.50 11.75 -27.60
C LEU A 457 5.63 10.65 -26.99
N LEU A 458 4.31 10.86 -26.95
CA LEU A 458 3.40 9.79 -26.54
C LEU A 458 3.28 8.78 -27.68
N HIS A 459 3.35 7.49 -27.34
CA HIS A 459 3.13 6.42 -28.33
C HIS A 459 1.92 5.57 -27.96
N THR A 460 1.23 5.03 -28.96
CA THR A 460 0.14 4.11 -28.70
C THR A 460 0.68 2.83 -28.06
N VAL A 461 0.25 2.55 -26.83
CA VAL A 461 0.70 1.35 -26.13
C VAL A 461 -0.43 0.33 -26.00
N PHE A 462 -1.67 0.78 -26.19
CA PHE A 462 -2.83 -0.08 -26.09
C PHE A 462 -3.88 0.37 -27.10
N LYS A 463 -4.49 -0.58 -27.79
CA LYS A 463 -5.58 -0.22 -28.70
C LYS A 463 -6.47 -1.43 -28.95
N ASN A 464 -7.76 -1.27 -28.67
CA ASN A 464 -8.75 -2.32 -28.93
C ASN A 464 -8.41 -3.70 -28.38
N GLY A 465 -7.90 -3.70 -27.16
CA GLY A 465 -7.62 -4.93 -26.44
C GLY A 465 -6.25 -5.51 -26.68
N LYS A 466 -5.42 -4.80 -27.45
CA LYS A 466 -4.06 -5.29 -27.75
C LYS A 466 -3.00 -4.31 -27.24
N VAL A 467 -1.94 -4.86 -26.63
CA VAL A 467 -0.76 -4.08 -26.27
C VAL A 467 0.08 -3.90 -27.54
N THR A 468 0.29 -2.67 -27.96
CA THR A 468 0.84 -2.39 -29.28
C THR A 468 2.29 -1.95 -29.20
N LYS A 469 2.75 -1.59 -28.01
CA LYS A 469 4.16 -1.27 -27.82
C LYS A 469 4.57 -1.63 -26.41
N SER A 470 5.70 -2.33 -26.28
CA SER A 470 6.20 -2.81 -24.99
C SER A 470 7.66 -2.44 -24.81
N TYR A 471 8.09 -2.35 -23.56
CA TYR A 471 9.47 -2.01 -23.23
C TYR A 471 10.05 -3.11 -22.36
N SER A 472 11.30 -3.49 -22.63
CA SER A 472 11.99 -4.42 -21.74
C SER A 472 12.39 -3.69 -20.47
N PHE A 473 12.69 -4.44 -19.42
CA PHE A 473 13.13 -3.81 -18.18
C PHE A 473 14.50 -3.16 -18.39
N ASP A 474 15.28 -3.70 -19.31
CA ASP A 474 16.58 -3.14 -19.62
C ASP A 474 16.46 -1.71 -20.19
N GLU A 475 15.53 -1.50 -21.11
CA GLU A 475 15.33 -0.17 -21.71
C GLU A 475 14.83 0.83 -20.67
N ILE A 476 13.94 0.38 -19.81
CA ILE A 476 13.42 1.19 -18.71
C ILE A 476 14.55 1.68 -17.80
N ARG A 477 15.43 0.76 -17.38
CA ARG A 477 16.57 1.12 -16.57
C ARG A 477 17.46 2.16 -17.27
N LYS A 478 17.68 1.94 -18.56
CA LYS A 478 18.49 2.87 -19.33
C LYS A 478 17.80 4.23 -19.35
N ASN A 479 16.49 4.24 -19.58
CA ASN A 479 15.76 5.51 -19.64
C ASN A 479 15.82 6.27 -18.32
N ALA A 480 15.83 5.53 -17.21
CA ALA A 480 15.73 6.13 -15.87
C ALA A 480 17.08 6.48 -15.24
N GLN A 481 18.16 6.29 -15.98
CA GLN A 481 19.50 6.60 -15.48
C GLN A 481 19.64 8.02 -14.96
N LEU A 482 20.56 8.22 -14.02
CA LEU A 482 20.87 9.55 -13.52
C LEU A 482 21.79 10.25 -14.51
N ASN A 483 21.82 11.59 -14.47
CA ASN A 483 22.76 12.34 -15.30
C ASN A 483 24.20 12.04 -14.90
N ILE A 484 24.44 12.02 -13.59
CA ILE A 484 25.76 11.71 -13.04
C ILE A 484 26.28 10.35 -13.53
N GLU A 485 25.36 9.43 -13.80
CA GLU A 485 25.70 8.13 -14.37
C GLU A 485 26.06 8.29 -15.84
N LEU A 486 25.32 9.16 -16.53
CA LEU A 486 25.57 9.45 -17.93
C LEU A 486 26.93 10.14 -18.12
N GLU A 487 27.32 10.97 -17.16
CA GLU A 487 28.59 11.68 -17.22
C GLU A 487 29.76 10.77 -16.85
N GLU B 8 1.02 -18.29 -10.97
CA GLU B 8 0.45 -18.78 -9.72
C GLU B 8 1.37 -18.50 -8.52
N PHE B 9 0.78 -18.25 -7.36
CA PHE B 9 1.51 -17.94 -6.15
C PHE B 9 2.33 -19.13 -5.63
N ASN B 10 3.56 -18.84 -5.21
CA ASN B 10 4.49 -19.85 -4.75
C ASN B 10 5.09 -19.44 -3.42
N ILE B 11 4.61 -20.07 -2.35
CA ILE B 11 5.02 -19.71 -0.98
C ILE B 11 6.54 -19.80 -0.76
N LEU B 12 7.22 -20.60 -1.60
CA LEU B 12 8.67 -20.72 -1.53
C LEU B 12 9.36 -19.45 -2.05
N LEU B 13 8.62 -18.63 -2.80
CA LEU B 13 9.14 -17.36 -3.30
C LEU B 13 8.46 -16.16 -2.63
N ALA B 14 7.79 -16.41 -1.51
CA ALA B 14 7.07 -15.33 -0.84
C ALA B 14 7.63 -15.02 0.55
N THR B 15 8.94 -14.83 0.62
CA THR B 15 9.60 -14.52 1.87
C THR B 15 10.73 -13.52 1.58
N ASP B 16 11.27 -12.88 2.62
CA ASP B 16 12.47 -12.07 2.42
C ASP B 16 13.61 -13.00 2.00
N SER B 17 14.36 -12.59 0.98
CA SER B 17 15.47 -13.36 0.45
C SER B 17 16.37 -13.95 1.54
N TYR B 18 16.79 -13.14 2.50
CA TYR B 18 17.73 -13.64 3.50
C TYR B 18 17.21 -14.83 4.31
N LYS B 19 15.89 -14.95 4.45
CA LYS B 19 15.33 -16.09 5.17
C LYS B 19 15.59 -17.45 4.50
N VAL B 20 15.90 -17.43 3.21
CA VAL B 20 16.31 -18.62 2.48
C VAL B 20 17.55 -19.27 3.12
N THR B 21 18.38 -18.45 3.75
CA THR B 21 19.65 -18.91 4.33
C THR B 21 19.62 -19.15 5.84
N HIS B 22 18.47 -18.95 6.47
CA HIS B 22 18.39 -19.04 7.94
C HIS B 22 18.45 -20.45 8.53
N TYR B 23 18.01 -21.45 7.77
CA TYR B 23 17.99 -22.82 8.27
C TYR B 23 19.40 -23.29 8.68
N LYS B 24 20.42 -22.70 8.08
CA LYS B 24 21.81 -23.03 8.39
C LYS B 24 22.36 -22.26 9.59
N GLN B 25 21.57 -21.34 10.14
CA GLN B 25 22.10 -20.40 11.14
C GLN B 25 21.63 -20.67 12.57
N TYR B 26 20.49 -21.35 12.71
CA TYR B 26 20.00 -21.73 14.04
C TYR B 26 20.99 -22.68 14.72
N PRO B 27 20.98 -22.75 16.06
CA PRO B 27 21.84 -23.73 16.73
C PRO B 27 21.53 -25.14 16.24
N PRO B 28 22.58 -25.98 16.09
CA PRO B 28 22.42 -27.38 15.71
C PRO B 28 21.44 -28.07 16.64
N ASN B 29 20.67 -29.02 16.10
CA ASN B 29 19.72 -29.78 16.89
C ASN B 29 18.58 -28.93 17.45
N THR B 30 18.19 -27.90 16.70
CA THR B 30 17.01 -27.12 17.06
C THR B 30 15.76 -27.78 16.47
N SER B 31 14.82 -28.13 17.33
CA SER B 31 13.63 -28.88 16.92
C SER B 31 12.36 -28.02 16.95
N LYS B 32 12.42 -26.90 17.66
CA LYS B 32 11.26 -26.01 17.72
C LYS B 32 11.66 -24.55 17.62
N VAL B 33 10.92 -23.80 16.80
CA VAL B 33 11.02 -22.36 16.78
C VAL B 33 9.59 -21.83 16.94
N TYR B 34 9.41 -20.99 17.96
CA TYR B 34 8.11 -20.50 18.37
C TYR B 34 8.18 -18.99 18.37
N SER B 35 7.27 -18.36 17.63
CA SER B 35 7.28 -16.92 17.46
C SER B 35 5.89 -16.32 17.66
N TYR B 36 5.83 -15.01 17.83
CA TYR B 36 4.55 -14.35 18.08
C TYR B 36 4.47 -12.98 17.41
N PHE B 37 3.24 -12.51 17.24
CA PHE B 37 2.96 -11.20 16.65
C PHE B 37 2.27 -10.34 17.68
N GLU B 38 2.74 -9.11 17.85
CA GLU B 38 2.08 -8.14 18.71
C GLU B 38 2.08 -6.76 18.03
N CYS B 39 1.20 -5.89 18.48
CA CYS B 39 1.29 -4.47 18.17
C CYS B 39 2.02 -3.84 19.35
N ARG B 40 3.34 -3.71 19.20
CA ARG B 40 4.22 -3.44 20.33
C ARG B 40 3.89 -2.09 20.95
N GLU B 41 3.91 -2.05 22.28
CA GLU B 41 3.56 -0.85 23.03
C GLU B 41 4.68 0.20 22.90
N LYS B 42 4.32 1.47 23.13
CA LYS B 42 5.29 2.57 23.11
C LYS B 42 5.42 3.27 24.46
N LYS B 53 -2.72 7.93 21.62
CA LYS B 53 -3.58 7.54 20.51
C LYS B 53 -3.24 6.10 20.10
N TYR B 54 -4.27 5.36 19.67
CA TYR B 54 -4.12 3.97 19.24
C TYR B 54 -3.68 3.04 20.38
N GLU B 55 -4.37 3.15 21.50
CA GLU B 55 -4.09 2.31 22.66
C GLU B 55 -4.68 0.91 22.51
N GLU B 56 -5.67 0.77 21.62
CA GLU B 56 -6.27 -0.53 21.38
C GLU B 56 -6.38 -0.79 19.89
N THR B 57 -6.21 -2.04 19.48
CA THR B 57 -6.19 -2.36 18.07
C THR B 57 -7.28 -3.38 17.76
N VAL B 58 -7.78 -3.34 16.53
CA VAL B 58 -8.74 -4.32 16.04
C VAL B 58 -7.93 -5.43 15.37
N PHE B 59 -8.00 -6.65 15.89
CA PHE B 59 -7.31 -7.74 15.23
C PHE B 59 -8.15 -8.24 14.08
N TYR B 60 -7.69 -8.04 12.85
CA TYR B 60 -8.48 -8.41 11.68
C TYR B 60 -7.59 -8.74 10.50
N GLY B 61 -7.91 -9.81 9.78
CA GLY B 61 -7.26 -10.06 8.48
C GLY B 61 -6.39 -11.30 8.34
N LEU B 62 -6.13 -11.99 9.44
CA LEU B 62 -5.26 -13.16 9.40
C LEU B 62 -5.97 -14.26 8.60
N GLN B 63 -7.28 -14.34 8.77
CA GLN B 63 -8.09 -15.39 8.14
C GLN B 63 -7.96 -15.39 6.60
N TYR B 64 -7.94 -14.21 6.01
CA TYR B 64 -7.66 -14.04 4.58
C TYR B 64 -6.32 -14.67 4.17
N ILE B 65 -5.28 -14.30 4.90
CA ILE B 65 -3.93 -14.84 4.65
C ILE B 65 -3.83 -16.36 4.77
N LEU B 66 -4.39 -16.91 5.85
CA LEU B 66 -4.43 -18.35 6.06
C LEU B 66 -5.06 -19.09 4.90
N ASN B 67 -6.24 -18.63 4.48
CA ASN B 67 -6.99 -19.27 3.41
C ASN B 67 -6.41 -19.07 2.02
N LYS B 68 -5.95 -17.86 1.72
CA LYS B 68 -5.50 -17.59 0.36
C LYS B 68 -4.11 -18.17 0.10
N TYR B 69 -3.27 -18.14 1.13
CA TYR B 69 -1.85 -18.41 0.94
C TYR B 69 -1.27 -19.62 1.69
N LEU B 70 -1.83 -19.94 2.86
CA LEU B 70 -1.17 -20.92 3.73
C LEU B 70 -1.79 -22.33 3.74
N LYS B 71 -3.07 -22.44 3.43
CA LYS B 71 -3.76 -23.73 3.62
C LYS B 71 -3.64 -24.66 2.42
N GLY B 72 -3.80 -25.95 2.67
CA GLY B 72 -3.85 -26.95 1.61
C GLY B 72 -2.47 -27.29 1.09
N LYS B 73 -2.41 -27.81 -0.13
CA LYS B 73 -1.14 -28.22 -0.69
C LYS B 73 -0.45 -27.02 -1.29
N VAL B 74 0.43 -26.39 -0.53
CA VAL B 74 1.12 -25.19 -0.99
C VAL B 74 2.53 -25.49 -1.54
N VAL B 75 2.97 -26.74 -1.41
CA VAL B 75 4.25 -27.16 -1.97
C VAL B 75 4.03 -28.19 -3.05
N THR B 76 4.68 -28.01 -4.20
CA THR B 76 4.67 -29.02 -5.26
C THR B 76 6.08 -29.20 -5.78
N LYS B 77 6.29 -30.23 -6.58
CA LYS B 77 7.59 -30.46 -7.22
C LYS B 77 7.97 -29.27 -8.08
N GLU B 78 7.00 -28.78 -8.84
CA GLU B 78 7.23 -27.67 -9.76
C GLU B 78 7.61 -26.40 -9.01
N LYS B 79 6.93 -26.16 -7.89
CA LYS B 79 7.20 -24.97 -7.09
C LYS B 79 8.59 -25.03 -6.46
N ILE B 80 9.01 -26.24 -6.07
CA ILE B 80 10.34 -26.39 -5.49
C ILE B 80 11.41 -26.16 -6.54
N GLN B 81 11.18 -26.70 -7.74
CA GLN B 81 12.12 -26.52 -8.84
C GLN B 81 12.19 -25.05 -9.29
N GLU B 82 11.03 -24.39 -9.31
CA GLU B 82 10.97 -22.97 -9.63
C GLU B 82 11.82 -22.15 -8.65
N ALA B 83 11.65 -22.41 -7.35
CA ALA B 83 12.38 -21.66 -6.34
C ALA B 83 13.89 -21.96 -6.43
N LYS B 84 14.21 -23.23 -6.65
CA LYS B 84 15.61 -23.63 -6.82
C LYS B 84 16.27 -22.81 -7.93
N ASP B 85 15.57 -22.71 -9.06
CA ASP B 85 16.11 -22.00 -10.23
C ASP B 85 16.24 -20.50 -9.98
N VAL B 86 15.22 -19.92 -9.36
CA VAL B 86 15.23 -18.48 -9.09
C VAL B 86 16.32 -18.11 -8.08
N TYR B 87 16.39 -18.84 -6.98
CA TYR B 87 17.38 -18.54 -5.95
C TYR B 87 18.82 -18.80 -6.42
N LYS B 88 19.01 -19.73 -7.35
CA LYS B 88 20.36 -19.96 -7.87
C LYS B 88 20.89 -18.68 -8.54
N GLU B 89 20.02 -18.01 -9.29
CA GLU B 89 20.41 -16.78 -9.96
C GLU B 89 20.42 -15.59 -9.00
N HIS B 90 19.46 -15.59 -8.07
CA HIS B 90 19.30 -14.47 -7.15
C HIS B 90 20.46 -14.39 -6.17
N PHE B 91 20.91 -15.53 -5.64
CA PHE B 91 22.07 -15.55 -4.75
C PHE B 91 23.39 -15.77 -5.50
N GLN B 92 23.31 -16.08 -6.79
CA GLN B 92 24.48 -16.45 -7.57
C GLN B 92 25.24 -17.61 -6.92
N ASP B 93 24.47 -18.55 -6.38
CA ASP B 93 25.02 -19.64 -5.60
C ASP B 93 23.90 -20.58 -5.20
N ASP B 94 24.25 -21.80 -4.78
CA ASP B 94 23.26 -22.76 -4.30
C ASP B 94 23.12 -22.67 -2.80
N VAL B 95 22.05 -22.04 -2.32
CA VAL B 95 21.84 -21.94 -0.87
C VAL B 95 20.43 -22.39 -0.46
N PHE B 96 19.54 -22.52 -1.44
CA PHE B 96 18.15 -22.88 -1.15
C PHE B 96 18.00 -24.28 -0.52
N ASN B 97 17.19 -24.36 0.53
CA ASN B 97 16.96 -25.61 1.26
C ASN B 97 16.02 -26.57 0.51
N GLU B 98 16.51 -27.17 -0.57
CA GLU B 98 15.67 -28.05 -1.38
C GLU B 98 15.16 -29.25 -0.56
N LYS B 99 16.03 -29.81 0.27
CA LYS B 99 15.67 -31.00 1.08
C LYS B 99 14.56 -30.72 2.09
N GLY B 100 14.61 -29.55 2.74
CA GLY B 100 13.58 -29.21 3.70
C GLY B 100 12.20 -29.16 3.06
N TRP B 101 12.12 -28.52 1.90
CA TRP B 101 10.85 -28.38 1.19
C TRP B 101 10.37 -29.70 0.61
N ASN B 102 11.30 -30.48 0.04
CA ASN B 102 10.95 -31.82 -0.44
C ASN B 102 10.40 -32.73 0.67
N TYR B 103 10.94 -32.58 1.89
CA TYR B 103 10.43 -33.31 3.05
C TYR B 103 8.96 -32.99 3.30
N ILE B 104 8.61 -31.70 3.31
CA ILE B 104 7.23 -31.29 3.52
C ILE B 104 6.34 -31.83 2.41
N LEU B 105 6.83 -31.79 1.18
CA LEU B 105 6.11 -32.36 0.05
C LEU B 105 5.85 -33.86 0.27
N GLU B 106 6.90 -34.61 0.61
CA GLU B 106 6.79 -36.05 0.70
C GLU B 106 6.05 -36.53 1.95
N LYS B 107 6.39 -35.95 3.09
CA LYS B 107 5.79 -36.36 4.36
C LYS B 107 4.35 -35.85 4.53
N TYR B 108 4.08 -34.62 4.12
CA TYR B 108 2.81 -33.99 4.47
C TYR B 108 1.97 -33.61 3.25
N ASP B 109 2.26 -34.26 2.12
CA ASP B 109 1.64 -33.92 0.83
C ASP B 109 1.58 -32.41 0.61
N GLY B 110 2.68 -31.74 0.91
CA GLY B 110 2.79 -30.30 0.66
C GLY B 110 1.98 -29.40 1.58
N HIS B 111 1.49 -29.94 2.69
CA HIS B 111 0.78 -29.14 3.68
C HIS B 111 1.77 -28.69 4.75
N LEU B 112 1.64 -27.44 5.19
CA LEU B 112 2.61 -26.89 6.15
C LEU B 112 2.44 -27.41 7.58
N PRO B 113 3.49 -28.05 8.12
CA PRO B 113 3.49 -28.56 9.49
C PRO B 113 3.71 -27.41 10.48
N ILE B 114 2.66 -26.63 10.67
CA ILE B 114 2.69 -25.38 11.42
C ILE B 114 1.42 -25.34 12.25
N GLU B 115 1.50 -24.72 13.43
CA GLU B 115 0.32 -24.44 14.22
C GLU B 115 0.27 -22.96 14.57
N ILE B 116 -0.89 -22.34 14.35
CA ILE B 116 -1.02 -20.93 14.63
C ILE B 116 -2.20 -20.74 15.55
N LYS B 117 -1.98 -19.99 16.63
CA LYS B 117 -3.03 -19.66 17.59
C LYS B 117 -3.26 -18.16 17.55
N ALA B 118 -4.53 -17.73 17.60
CA ALA B 118 -4.80 -16.30 17.47
C ALA B 118 -6.01 -15.85 18.30
N VAL B 119 -6.03 -14.56 18.65
CA VAL B 119 -7.24 -13.92 19.18
C VAL B 119 -8.31 -13.90 18.09
N PRO B 120 -9.59 -14.00 18.49
CA PRO B 120 -10.66 -13.98 17.48
C PRO B 120 -10.64 -12.72 16.62
N GLU B 121 -10.96 -12.87 15.35
CA GLU B 121 -11.02 -11.74 14.42
C GLU B 121 -12.06 -10.74 14.88
N GLY B 122 -11.72 -9.46 14.81
CA GLY B 122 -12.64 -8.40 15.22
C GLY B 122 -12.43 -7.96 16.65
N PHE B 123 -11.70 -8.77 17.42
CA PHE B 123 -11.41 -8.43 18.82
C PHE B 123 -10.65 -7.12 18.94
N VAL B 124 -11.05 -6.33 19.92
CA VAL B 124 -10.39 -5.07 20.25
C VAL B 124 -9.50 -5.33 21.46
N ILE B 125 -8.18 -5.24 21.24
CA ILE B 125 -7.18 -5.62 22.25
C ILE B 125 -6.20 -4.47 22.47
N PRO B 126 -5.83 -4.19 23.74
CA PRO B 126 -4.81 -3.16 23.98
C PRO B 126 -3.42 -3.52 23.41
N ARG B 127 -2.65 -2.50 23.01
CA ARG B 127 -1.27 -2.69 22.54
C ARG B 127 -0.42 -3.53 23.50
N GLY B 128 0.55 -4.24 22.96
CA GLY B 128 1.50 -4.97 23.78
C GLY B 128 1.03 -6.35 24.22
N ASN B 129 -0.04 -6.83 23.61
CA ASN B 129 -0.55 -8.18 23.86
C ASN B 129 -0.24 -9.13 22.73
N VAL B 130 -0.07 -10.41 23.05
CA VAL B 130 0.11 -11.40 22.01
C VAL B 130 -1.19 -11.47 21.19
N LEU B 131 -1.06 -11.36 19.88
CA LEU B 131 -2.22 -11.43 18.99
C LEU B 131 -2.30 -12.79 18.28
N PHE B 132 -1.15 -13.28 17.83
CA PHE B 132 -1.04 -14.66 17.36
C PHE B 132 0.33 -15.27 17.59
N THR B 133 0.39 -16.60 17.61
CA THR B 133 1.66 -17.31 17.76
C THR B 133 1.82 -18.32 16.64
N VAL B 134 3.07 -18.68 16.33
CA VAL B 134 3.36 -19.62 15.25
C VAL B 134 4.44 -20.57 15.74
N GLU B 135 4.28 -21.86 15.48
CA GLU B 135 5.36 -22.81 15.77
C GLU B 135 5.28 -23.99 14.82
N ASN B 136 6.44 -24.63 14.56
CA ASN B 136 6.46 -25.84 13.75
C ASN B 136 5.91 -27.02 14.53
N THR B 137 5.27 -27.96 13.82
CA THR B 137 4.73 -29.12 14.50
C THR B 137 5.57 -30.36 14.20
N ASP B 138 6.55 -30.22 13.32
CA ASP B 138 7.53 -31.26 13.00
C ASP B 138 8.93 -30.71 13.27
N PRO B 139 9.75 -31.43 14.05
CA PRO B 139 11.12 -30.99 14.39
C PRO B 139 12.00 -30.74 13.16
N GLU B 140 11.76 -31.49 12.09
CA GLU B 140 12.48 -31.26 10.85
C GLU B 140 12.21 -29.87 10.28
N CYS B 141 11.08 -29.28 10.66
CA CYS B 141 10.68 -28.02 10.08
C CYS B 141 10.83 -26.83 11.04
N TYR B 142 11.85 -26.89 11.90
CA TYR B 142 12.21 -25.80 12.81
C TYR B 142 12.34 -24.46 12.06
N TRP B 143 12.78 -24.52 10.81
CA TRP B 143 13.10 -23.35 10.01
C TRP B 143 11.86 -22.71 9.37
N LEU B 144 10.72 -23.41 9.43
CA LEU B 144 9.53 -22.99 8.71
C LEU B 144 8.77 -21.85 9.43
N THR B 145 8.83 -21.85 10.76
CA THR B 145 8.17 -20.84 11.57
C THR B 145 8.51 -19.44 11.10
N ASN B 146 9.81 -19.16 10.96
CA ASN B 146 10.18 -17.83 10.54
C ASN B 146 10.23 -17.57 9.03
N TRP B 147 10.22 -18.63 8.23
CA TRP B 147 10.09 -18.48 6.78
C TRP B 147 8.86 -17.66 6.44
N ILE B 148 7.75 -17.97 7.11
CA ILE B 148 6.47 -17.33 6.82
C ILE B 148 6.21 -16.07 7.63
N GLU B 149 7.24 -15.55 8.31
CA GLU B 149 7.11 -14.26 8.98
C GLU B 149 6.62 -13.17 8.02
N THR B 150 7.28 -13.09 6.87
CA THR B 150 7.06 -11.97 5.95
C THR B 150 5.61 -11.90 5.52
N ILE B 151 5.06 -13.05 5.14
CA ILE B 151 3.68 -13.09 4.70
C ILE B 151 2.68 -12.83 5.84
N LEU B 152 2.95 -13.35 7.03
CA LEU B 152 2.06 -13.16 8.16
C LEU B 152 2.09 -11.72 8.67
N VAL B 153 3.26 -11.10 8.55
CA VAL B 153 3.44 -9.72 9.06
C VAL B 153 2.64 -8.70 8.26
N GLN B 154 2.29 -9.05 7.02
CA GLN B 154 1.47 -8.15 6.21
C GLN B 154 0.07 -7.99 6.78
N SER B 155 -0.26 -8.82 7.77
CA SER B 155 -1.51 -8.62 8.51
C SER B 155 -1.54 -7.25 9.19
N TRP B 156 -0.37 -6.59 9.30
CA TRP B 156 -0.35 -5.23 9.88
C TRP B 156 -1.34 -4.32 9.16
N TYR B 157 -1.50 -4.54 7.87
CA TYR B 157 -2.29 -3.63 7.06
C TYR B 157 -3.79 -3.69 7.39
N PRO B 158 -4.45 -4.86 7.26
CA PRO B 158 -5.85 -4.89 7.69
C PRO B 158 -6.04 -4.54 9.18
N ILE B 159 -5.10 -4.91 10.04
CA ILE B 159 -5.21 -4.52 11.44
C ILE B 159 -5.22 -3.00 11.59
N THR B 160 -4.30 -2.34 10.89
CA THR B 160 -4.13 -0.90 11.04
C THR B 160 -5.27 -0.13 10.40
N VAL B 161 -5.71 -0.61 9.24
CA VAL B 161 -6.87 -0.01 8.56
C VAL B 161 -8.13 -0.12 9.43
N ALA B 162 -8.40 -1.33 9.91
CA ALA B 162 -9.55 -1.59 10.78
C ALA B 162 -9.51 -0.73 12.04
N THR B 163 -8.32 -0.61 12.61
CA THR B 163 -8.12 0.16 13.83
C THR B 163 -8.34 1.66 13.60
N ASN B 164 -7.70 2.18 12.56
CA ASN B 164 -7.81 3.60 12.25
C ASN B 164 -9.25 3.98 11.91
N PHE B 165 -9.95 3.13 11.16
CA PHE B 165 -11.34 3.42 10.85
C PHE B 165 -12.24 3.34 12.08
N ARG B 166 -11.92 2.43 13.00
CA ARG B 166 -12.69 2.36 14.25
C ARG B 166 -12.46 3.64 15.07
N GLU B 167 -11.22 4.14 15.09
CA GLU B 167 -10.97 5.39 15.81
C GLU B 167 -11.74 6.57 15.21
N GLN B 168 -11.87 6.58 13.89
CA GLN B 168 -12.64 7.64 13.23
C GLN B 168 -14.13 7.53 13.56
N LYS B 169 -14.62 6.31 13.62
CA LYS B 169 -16.00 6.04 13.97
C LYS B 169 -16.33 6.52 15.39
N LYS B 170 -15.39 6.36 16.32
CA LYS B 170 -15.57 6.85 17.69
C LYS B 170 -15.82 8.36 17.71
N ILE B 171 -15.01 9.09 16.95
CA ILE B 171 -15.18 10.53 16.83
C ILE B 171 -16.54 10.87 16.24
N LEU B 172 -16.89 10.23 15.14
CA LEU B 172 -18.19 10.49 14.50
C LEU B 172 -19.33 10.18 15.46
N ALA B 173 -19.22 9.08 16.20
CA ALA B 173 -20.28 8.70 17.13
C ALA B 173 -20.46 9.74 18.23
N LYS B 174 -19.34 10.21 18.77
CA LYS B 174 -19.38 11.21 19.83
C LYS B 174 -20.14 12.46 19.37
N TYR B 175 -19.79 12.97 18.20
CA TYR B 175 -20.36 14.22 17.73
C TYR B 175 -21.80 14.07 17.18
N LEU B 176 -22.07 12.96 16.51
CA LEU B 176 -23.42 12.64 16.09
C LEU B 176 -24.35 12.48 17.30
N LEU B 177 -23.88 11.77 18.32
CA LEU B 177 -24.68 11.61 19.53
C LEU B 177 -24.92 12.96 20.21
N GLU B 178 -23.88 13.78 20.29
CA GLU B 178 -24.02 15.07 20.95
C GLU B 178 -24.98 16.02 20.23
N THR B 179 -24.83 16.11 18.91
CA THR B 179 -25.62 17.06 18.13
C THR B 179 -26.99 16.57 17.70
N SER B 180 -27.28 15.26 17.86
CA SER B 180 -28.54 14.71 17.38
C SER B 180 -29.31 13.87 18.40
N GLY B 181 -28.63 13.41 19.44
CA GLY B 181 -29.28 12.58 20.46
C GLY B 181 -29.31 11.09 20.15
N ASN B 182 -28.82 10.69 18.98
CA ASN B 182 -28.77 9.27 18.64
C ASN B 182 -27.63 8.95 17.68
N LEU B 183 -27.53 7.68 17.30
CA LEU B 183 -26.48 7.23 16.40
C LEU B 183 -27.03 6.81 15.04
N ASP B 184 -28.23 7.27 14.68
CA ASP B 184 -28.85 6.88 13.41
C ASP B 184 -27.95 7.23 12.22
N GLY B 185 -27.64 6.24 11.39
CA GLY B 185 -26.87 6.47 10.19
C GLY B 185 -25.36 6.52 10.37
N LEU B 186 -24.89 6.28 11.59
CA LEU B 186 -23.45 6.33 11.88
C LEU B 186 -22.64 5.44 10.94
N GLU B 187 -23.18 4.27 10.62
CA GLU B 187 -22.46 3.30 9.78
C GLU B 187 -22.36 3.71 8.31
N TYR B 188 -23.02 4.83 7.93
CA TYR B 188 -22.88 5.41 6.59
C TYR B 188 -22.20 6.79 6.60
N LYS B 189 -21.53 7.13 7.69
CA LYS B 189 -20.97 8.47 7.85
C LYS B 189 -19.53 8.60 7.31
N LEU B 190 -18.90 7.47 7.03
CA LEU B 190 -17.53 7.51 6.50
C LEU B 190 -17.41 6.53 5.34
N HIS B 191 -17.54 7.06 4.13
CA HIS B 191 -17.62 6.26 2.92
C HIS B 191 -16.21 6.05 2.39
N ASP B 192 -15.91 4.86 1.89
CA ASP B 192 -14.57 4.58 1.37
C ASP B 192 -14.45 5.04 -0.10
N PHE B 193 -13.59 6.03 -0.33
CA PHE B 193 -13.30 6.55 -1.67
C PHE B 193 -11.89 6.15 -2.12
N GLY B 194 -11.24 5.22 -1.42
CA GLY B 194 -9.80 5.06 -1.58
C GLY B 194 -9.27 4.15 -2.67
N TYR B 195 -10.15 3.61 -3.51
CA TYR B 195 -9.76 2.57 -4.48
C TYR B 195 -8.57 3.02 -5.35
N ARG B 196 -8.66 4.22 -5.90
CA ARG B 196 -7.66 4.70 -6.85
C ARG B 196 -6.37 5.09 -6.14
N GLY B 197 -6.46 5.35 -4.84
CA GLY B 197 -5.33 5.85 -4.07
C GLY B 197 -4.50 4.80 -3.36
N VAL B 198 -4.87 3.53 -3.49
CA VAL B 198 -4.04 2.47 -2.94
C VAL B 198 -3.08 1.91 -3.99
N SER B 199 -2.21 1.01 -3.53
CA SER B 199 -1.04 0.61 -4.31
C SER B 199 -1.31 -0.54 -5.27
N SER B 200 -2.45 -1.23 -5.14
CA SER B 200 -2.73 -2.38 -5.99
C SER B 200 -4.18 -2.86 -5.85
N GLN B 201 -4.61 -3.73 -6.77
CA GLN B 201 -5.94 -4.33 -6.70
C GLN B 201 -6.10 -5.18 -5.44
N GLU B 202 -5.08 -5.95 -5.12
CA GLU B 202 -5.17 -6.82 -3.94
C GLU B 202 -5.30 -5.98 -2.68
N THR B 203 -4.47 -4.94 -2.56
CA THR B 203 -4.56 -4.03 -1.42
C THR B 203 -5.92 -3.35 -1.31
N ALA B 204 -6.50 -2.96 -2.45
CA ALA B 204 -7.84 -2.37 -2.45
C ALA B 204 -8.87 -3.28 -1.79
N GLY B 205 -8.86 -4.56 -2.15
CA GLY B 205 -9.76 -5.54 -1.56
C GLY B 205 -9.57 -5.67 -0.05
N ILE B 206 -8.32 -5.84 0.37
CA ILE B 206 -8.02 -6.04 1.79
C ILE B 206 -8.38 -4.81 2.62
N GLY B 207 -7.89 -3.65 2.20
CA GLY B 207 -8.20 -2.39 2.85
C GLY B 207 -9.70 -2.10 2.91
N ALA B 208 -10.39 -2.32 1.80
CA ALA B 208 -11.83 -2.09 1.82
C ALA B 208 -12.51 -3.02 2.82
N SER B 209 -12.09 -4.28 2.88
CA SER B 209 -12.70 -5.22 3.82
C SER B 209 -12.51 -4.76 5.26
N ALA B 210 -11.36 -4.13 5.54
CA ALA B 210 -11.07 -3.64 6.89
C ALA B 210 -11.88 -2.39 7.21
N HIS B 211 -12.08 -1.54 6.21
CA HIS B 211 -13.00 -0.43 6.36
C HIS B 211 -14.42 -0.93 6.69
N LEU B 212 -14.85 -1.98 5.99
CA LEU B 212 -16.19 -2.52 6.13
C LEU B 212 -16.47 -3.23 7.46
N VAL B 213 -15.41 -3.54 8.20
CA VAL B 213 -15.55 -3.97 9.58
C VAL B 213 -16.25 -2.87 10.37
N ASN B 214 -16.04 -1.62 9.96
CA ASN B 214 -16.52 -0.48 10.73
C ASN B 214 -17.73 0.26 10.13
N PHE B 215 -17.80 0.27 8.80
CA PHE B 215 -18.83 1.01 8.09
C PHE B 215 -19.48 0.16 7.02
N LYS B 216 -20.53 0.69 6.38
CA LYS B 216 -21.28 -0.03 5.35
C LYS B 216 -21.30 0.67 3.98
N GLY B 217 -20.82 1.91 3.92
CA GLY B 217 -20.76 2.61 2.63
C GLY B 217 -19.38 2.54 1.98
N THR B 218 -19.32 1.96 0.78
CA THR B 218 -18.05 1.85 0.07
C THR B 218 -18.18 1.99 -1.45
N ASP B 219 -17.18 2.60 -2.08
CA ASP B 219 -17.10 2.60 -3.54
C ASP B 219 -16.01 1.63 -4.01
N THR B 220 -15.34 0.99 -3.05
CA THR B 220 -14.28 0.04 -3.39
C THR B 220 -14.87 -1.36 -3.52
N VAL B 221 -15.34 -1.64 -4.72
CA VAL B 221 -16.09 -2.86 -5.03
C VAL B 221 -15.32 -4.13 -4.69
N ALA B 222 -14.00 -4.08 -4.88
CA ALA B 222 -13.11 -5.22 -4.60
C ALA B 222 -13.27 -5.79 -3.19
N GLY B 223 -13.69 -4.95 -2.25
CA GLY B 223 -13.91 -5.41 -0.89
C GLY B 223 -15.05 -6.41 -0.74
N LEU B 224 -16.07 -6.31 -1.58
CA LEU B 224 -17.25 -7.16 -1.44
C LEU B 224 -16.92 -8.63 -1.72
N ALA B 225 -16.19 -8.87 -2.81
CA ALA B 225 -15.86 -10.23 -3.24
C ALA B 225 -14.93 -10.91 -2.26
N LEU B 226 -13.96 -10.15 -1.76
CA LEU B 226 -13.04 -10.67 -0.75
C LEU B 226 -13.84 -11.14 0.46
N ILE B 227 -14.77 -10.31 0.92
CA ILE B 227 -15.52 -10.66 2.13
C ILE B 227 -16.39 -11.89 1.89
N LYS B 228 -17.03 -11.95 0.73
CA LYS B 228 -17.88 -13.08 0.39
C LYS B 228 -17.08 -14.40 0.32
N LYS B 229 -15.88 -14.35 -0.27
CA LYS B 229 -15.03 -15.54 -0.41
C LYS B 229 -14.39 -16.03 0.90
N TYR B 230 -13.90 -15.11 1.73
CA TYR B 230 -13.09 -15.48 2.88
C TYR B 230 -13.77 -15.37 4.24
N TYR B 231 -14.89 -14.67 4.31
CA TYR B 231 -15.51 -14.41 5.60
C TYR B 231 -16.99 -14.74 5.64
N GLY B 232 -17.76 -14.13 4.73
CA GLY B 232 -19.17 -14.43 4.59
C GLY B 232 -20.06 -13.49 5.40
N THR B 233 -21.19 -13.09 4.81
CA THR B 233 -22.18 -12.28 5.50
C THR B 233 -23.56 -12.92 5.30
N LYS B 234 -24.46 -12.69 6.24
CA LYS B 234 -25.84 -13.14 6.10
C LYS B 234 -26.50 -12.42 4.92
N ASP B 235 -26.31 -11.10 4.85
CA ASP B 235 -26.82 -10.30 3.75
C ASP B 235 -26.07 -10.60 2.44
N PRO B 236 -26.71 -10.33 1.29
CA PRO B 236 -26.06 -10.54 -0.01
C PRO B 236 -24.74 -9.81 -0.14
N VAL B 237 -24.65 -8.58 0.35
CA VAL B 237 -23.39 -7.80 0.31
C VAL B 237 -23.11 -7.07 1.63
N PRO B 238 -21.82 -6.87 1.94
CA PRO B 238 -21.47 -6.18 3.19
C PRO B 238 -21.48 -4.65 3.06
N GLY B 239 -21.50 -4.13 1.85
CA GLY B 239 -21.40 -2.70 1.65
C GLY B 239 -22.22 -2.16 0.50
N TYR B 240 -22.52 -0.87 0.56
CA TYR B 240 -23.47 -0.24 -0.34
C TYR B 240 -22.97 1.10 -0.87
N SER B 241 -23.58 1.56 -1.96
CA SER B 241 -23.31 2.90 -2.47
C SER B 241 -24.56 3.42 -3.19
N VAL B 242 -24.49 4.66 -3.67
CA VAL B 242 -25.60 5.28 -4.42
C VAL B 242 -25.01 6.05 -5.59
N PRO B 243 -25.85 6.42 -6.58
CA PRO B 243 -25.33 7.16 -7.73
C PRO B 243 -24.70 8.50 -7.36
N ALA B 244 -23.73 8.93 -8.15
CA ALA B 244 -23.09 10.22 -7.92
C ALA B 244 -22.32 10.64 -9.18
N ALA B 245 -22.13 11.95 -9.32
CA ALA B 245 -21.34 12.50 -10.41
C ALA B 245 -19.86 12.45 -10.08
N GLU B 246 -19.03 12.66 -11.10
CA GLU B 246 -17.63 12.97 -10.91
C GLU B 246 -17.41 14.24 -11.70
N HIS B 247 -16.23 14.84 -11.58
CA HIS B 247 -15.96 16.07 -12.31
C HIS B 247 -16.18 15.93 -13.83
N SER B 248 -15.78 14.80 -14.40
CA SER B 248 -15.95 14.60 -15.84
C SER B 248 -17.41 14.63 -16.31
N THR B 249 -18.35 14.16 -15.50
CA THR B 249 -19.77 14.18 -15.92
C THR B 249 -20.40 15.56 -15.78
N ILE B 250 -19.72 16.45 -15.07
CA ILE B 250 -20.10 17.86 -15.02
C ILE B 250 -19.36 18.67 -16.10
N THR B 251 -18.03 18.55 -16.11
CA THR B 251 -17.23 19.39 -17.00
C THR B 251 -17.45 19.09 -18.48
N ALA B 252 -17.83 17.85 -18.79
CA ALA B 252 -18.09 17.44 -20.18
C ALA B 252 -19.15 18.31 -20.88
N TRP B 253 -20.09 18.83 -20.10
CA TRP B 253 -21.16 19.69 -20.61
C TRP B 253 -20.66 21.06 -21.05
N GLY B 254 -19.41 21.38 -20.70
CA GLY B 254 -18.82 22.67 -21.05
C GLY B 254 -18.96 23.65 -19.92
N LYS B 255 -17.98 24.55 -19.77
CA LYS B 255 -17.95 25.49 -18.66
C LYS B 255 -19.23 26.33 -18.47
N ASP B 256 -19.91 26.65 -19.57
CA ASP B 256 -21.13 27.46 -19.50
C ASP B 256 -22.38 26.67 -19.15
N HIS B 257 -22.25 25.35 -19.01
CA HIS B 257 -23.43 24.50 -18.85
C HIS B 257 -23.44 23.63 -17.61
N GLU B 258 -22.83 24.13 -16.54
CA GLU B 258 -22.83 23.43 -15.27
C GLU B 258 -24.26 23.21 -14.78
N LYS B 259 -25.10 24.23 -14.91
CA LYS B 259 -26.50 24.10 -14.52
C LYS B 259 -27.19 22.99 -15.33
N ASP B 260 -26.94 22.94 -16.63
CA ASP B 260 -27.57 21.90 -17.47
C ASP B 260 -27.11 20.51 -16.99
N ALA B 261 -25.85 20.40 -16.63
CA ALA B 261 -25.31 19.16 -16.12
C ALA B 261 -26.07 18.75 -14.86
N PHE B 262 -26.10 19.64 -13.88
CA PHE B 262 -26.79 19.40 -12.61
C PHE B 262 -28.23 18.96 -12.83
N GLU B 263 -28.96 19.70 -13.66
CA GLU B 263 -30.38 19.40 -13.90
C GLU B 263 -30.57 18.01 -14.48
N HIS B 264 -29.74 17.67 -15.45
CA HIS B 264 -29.80 16.38 -16.11
C HIS B 264 -29.56 15.26 -15.11
N ILE B 265 -28.52 15.43 -14.29
CA ILE B 265 -28.13 14.37 -13.35
C ILE B 265 -29.20 14.14 -12.28
N VAL B 266 -29.69 15.21 -11.66
CA VAL B 266 -30.69 15.03 -10.61
C VAL B 266 -32.02 14.52 -11.19
N THR B 267 -32.30 14.84 -12.45
CA THR B 267 -33.47 14.32 -13.15
C THR B 267 -33.30 12.84 -13.50
N GLN B 268 -32.09 12.43 -13.89
CA GLN B 268 -31.84 11.00 -14.15
C GLN B 268 -32.01 10.18 -12.88
N PHE B 269 -31.65 10.76 -11.74
CA PHE B 269 -31.69 10.06 -10.45
C PHE B 269 -32.65 10.77 -9.51
N SER B 270 -33.91 10.88 -9.93
CA SER B 270 -34.89 11.71 -9.25
C SER B 270 -35.50 11.03 -8.03
N SER B 271 -35.40 9.71 -7.96
CA SER B 271 -36.08 8.99 -6.90
C SER B 271 -35.15 8.09 -6.09
N VAL B 272 -33.85 8.27 -6.30
CA VAL B 272 -32.84 7.63 -5.46
C VAL B 272 -31.90 8.72 -4.96
N PRO B 273 -31.15 8.45 -3.87
CA PRO B 273 -30.16 9.43 -3.42
C PRO B 273 -29.19 9.71 -4.56
N VAL B 274 -28.67 10.94 -4.64
CA VAL B 274 -27.64 11.24 -5.64
C VAL B 274 -26.73 12.32 -5.09
N SER B 275 -25.42 12.15 -5.31
CA SER B 275 -24.46 13.12 -4.86
C SER B 275 -23.83 13.80 -6.06
N VAL B 276 -23.70 15.11 -6.00
CA VAL B 276 -23.20 15.85 -7.15
C VAL B 276 -22.08 16.78 -6.74
N VAL B 277 -20.89 16.51 -7.27
CA VAL B 277 -19.73 17.33 -7.00
C VAL B 277 -20.00 18.72 -7.58
N SER B 278 -19.77 19.75 -6.78
CA SER B 278 -20.24 21.09 -7.10
C SER B 278 -19.15 22.15 -7.17
N ASP B 279 -17.88 21.74 -7.14
CA ASP B 279 -16.78 22.70 -7.09
C ASP B 279 -15.98 22.79 -8.38
N SER B 280 -16.50 22.26 -9.48
CA SER B 280 -15.77 22.30 -10.76
C SER B 280 -15.25 23.69 -11.15
N TYR B 281 -16.04 24.72 -10.87
CA TYR B 281 -15.67 26.10 -11.21
C TYR B 281 -15.76 27.01 -10.00
N ASP B 282 -16.87 26.93 -9.27
CA ASP B 282 -17.10 27.83 -8.13
C ASP B 282 -18.12 27.21 -7.21
N ILE B 283 -17.64 26.55 -6.16
CA ILE B 283 -18.50 25.86 -5.19
C ILE B 283 -19.56 26.79 -4.57
N TYR B 284 -19.17 28.03 -4.27
CA TYR B 284 -20.07 28.94 -3.56
C TYR B 284 -21.20 29.41 -4.48
N ASN B 285 -20.87 29.73 -5.73
CA ASN B 285 -21.87 30.02 -6.74
C ASN B 285 -22.77 28.83 -7.05
N ALA B 286 -22.18 27.63 -7.06
CA ALA B 286 -22.96 26.44 -7.37
C ALA B 286 -24.05 26.25 -6.31
N CYS B 287 -23.66 26.40 -5.05
CA CYS B 287 -24.59 26.20 -3.95
C CYS B 287 -25.62 27.34 -3.87
N GLU B 288 -25.16 28.58 -3.94
CA GLU B 288 -26.06 29.70 -3.73
C GLU B 288 -26.98 29.96 -4.94
N LYS B 289 -26.41 29.99 -6.14
CA LYS B 289 -27.20 30.37 -7.32
C LYS B 289 -27.78 29.21 -8.14
N ILE B 290 -27.02 28.13 -8.32
CA ILE B 290 -27.53 27.03 -9.16
C ILE B 290 -28.46 26.14 -8.33
N TRP B 291 -27.94 25.53 -7.29
CA TRP B 291 -28.79 24.71 -6.41
C TRP B 291 -29.79 25.58 -5.65
N GLY B 292 -29.33 26.72 -5.17
CA GLY B 292 -30.12 27.53 -4.26
C GLY B 292 -31.17 28.41 -4.92
N GLU B 293 -31.06 28.61 -6.22
CA GLU B 293 -32.01 29.45 -6.96
C GLU B 293 -32.53 28.79 -8.25
N ASP B 294 -31.65 28.59 -9.23
CA ASP B 294 -32.07 28.08 -10.54
C ASP B 294 -32.71 26.70 -10.50
N LEU B 295 -32.18 25.81 -9.67
CA LEU B 295 -32.65 24.43 -9.67
C LEU B 295 -33.34 24.05 -8.37
N ARG B 296 -33.59 25.05 -7.53
CA ARG B 296 -34.14 24.82 -6.18
C ARG B 296 -35.44 24.02 -6.24
N HIS B 297 -36.26 24.32 -7.25
CA HIS B 297 -37.55 23.65 -7.44
C HIS B 297 -37.40 22.14 -7.66
N LEU B 298 -36.27 21.72 -8.22
CA LEU B 298 -35.99 20.30 -8.42
C LEU B 298 -35.47 19.61 -7.16
N ILE B 299 -34.97 20.40 -6.21
CA ILE B 299 -34.43 19.85 -4.98
C ILE B 299 -35.51 19.73 -3.90
N VAL B 300 -36.30 20.79 -3.69
CA VAL B 300 -37.28 20.76 -2.61
C VAL B 300 -38.43 19.76 -2.86
N SER B 301 -38.52 19.27 -4.08
CA SER B 301 -39.54 18.28 -4.46
C SER B 301 -39.10 16.83 -4.24
N ARG B 302 -37.87 16.62 -3.79
CA ARG B 302 -37.33 15.26 -3.64
C ARG B 302 -37.75 14.61 -2.33
N SER B 303 -37.90 13.29 -2.38
CA SER B 303 -38.24 12.47 -1.22
C SER B 303 -37.12 12.41 -0.21
N THR B 304 -37.48 12.18 1.05
CA THR B 304 -36.54 11.99 2.16
C THR B 304 -35.64 10.78 1.90
N GLN B 305 -36.12 9.86 1.08
CA GLN B 305 -35.36 8.68 0.71
C GLN B 305 -34.46 8.94 -0.51
N ALA B 306 -34.56 10.13 -1.10
CA ALA B 306 -33.77 10.46 -2.28
C ALA B 306 -33.13 11.84 -2.19
N PRO B 307 -32.35 12.08 -1.14
CA PRO B 307 -31.80 13.44 -1.01
C PRO B 307 -30.76 13.75 -2.10
N LEU B 308 -30.58 15.04 -2.37
CA LEU B 308 -29.40 15.51 -3.08
C LEU B 308 -28.29 15.69 -2.05
N ILE B 309 -27.12 15.13 -2.34
CA ILE B 309 -25.98 15.27 -1.44
C ILE B 309 -24.93 16.10 -2.17
N ILE B 310 -24.79 17.36 -1.77
CA ILE B 310 -23.84 18.25 -2.40
C ILE B 310 -22.42 17.88 -1.96
N ARG B 311 -21.49 17.79 -2.92
CA ARG B 311 -20.09 17.50 -2.58
C ARG B 311 -19.14 18.64 -2.91
N PRO B 312 -18.66 19.34 -1.87
CA PRO B 312 -17.52 20.22 -2.12
C PRO B 312 -16.28 19.34 -2.21
N ASP B 313 -15.23 19.79 -2.88
CA ASP B 313 -14.06 18.92 -3.11
C ASP B 313 -12.73 19.69 -3.18
N SER B 314 -12.69 20.91 -2.65
CA SER B 314 -11.49 21.72 -2.71
C SER B 314 -11.55 22.86 -1.70
N GLY B 315 -10.41 23.49 -1.44
CA GLY B 315 -10.32 24.52 -0.44
C GLY B 315 -10.05 23.91 0.93
N ASN B 316 -9.91 24.76 1.95
CA ASN B 316 -9.75 24.28 3.30
C ASN B 316 -10.99 23.49 3.69
N PRO B 317 -10.80 22.23 4.12
CA PRO B 317 -11.98 21.38 4.34
C PRO B 317 -12.95 21.92 5.40
N LEU B 318 -12.45 22.37 6.54
CA LEU B 318 -13.31 22.96 7.55
C LEU B 318 -14.00 24.24 7.03
N ASP B 319 -13.22 25.19 6.53
CA ASP B 319 -13.78 26.44 6.05
C ASP B 319 -14.83 26.22 4.97
N THR B 320 -14.56 25.29 4.06
CA THR B 320 -15.46 25.07 2.94
C THR B 320 -16.77 24.42 3.39
N VAL B 321 -16.68 23.40 4.23
CA VAL B 321 -17.89 22.80 4.82
C VAL B 321 -18.76 23.84 5.53
N LEU B 322 -18.17 24.64 6.41
CA LEU B 322 -18.93 25.65 7.12
C LEU B 322 -19.58 26.67 6.18
N LYS B 323 -18.85 27.08 5.15
CA LYS B 323 -19.38 28.06 4.21
C LYS B 323 -20.52 27.47 3.39
N VAL B 324 -20.33 26.25 2.92
CA VAL B 324 -21.38 25.53 2.20
C VAL B 324 -22.66 25.41 3.02
N LEU B 325 -22.54 25.00 4.27
CA LEU B 325 -23.71 24.89 5.16
C LEU B 325 -24.39 26.24 5.36
N GLU B 326 -23.57 27.28 5.58
CA GLU B 326 -24.05 28.64 5.77
C GLU B 326 -24.86 29.08 4.53
N ILE B 327 -24.37 28.73 3.34
CA ILE B 327 -25.04 29.11 2.10
C ILE B 327 -26.39 28.39 1.97
N LEU B 328 -26.37 27.09 2.19
CA LEU B 328 -27.55 26.26 1.98
C LEU B 328 -28.59 26.64 3.03
N GLY B 329 -28.10 26.96 4.22
CA GLY B 329 -28.96 27.33 5.33
C GLY B 329 -29.78 28.57 5.04
N LYS B 330 -29.27 29.42 4.16
CA LYS B 330 -30.00 30.63 3.79
C LYS B 330 -30.87 30.45 2.56
N LYS B 331 -30.63 29.40 1.79
CA LYS B 331 -31.46 29.15 0.61
C LYS B 331 -32.54 28.10 0.83
N PHE B 332 -32.38 27.30 1.87
CA PHE B 332 -33.29 26.18 2.12
C PHE B 332 -33.85 26.25 3.55
N PRO B 333 -35.01 25.62 3.77
CA PRO B 333 -35.60 25.75 5.10
C PRO B 333 -34.88 24.89 6.16
N VAL B 334 -34.21 25.55 7.09
CA VAL B 334 -33.50 24.87 8.15
C VAL B 334 -34.37 24.74 9.40
N THR B 335 -34.29 23.58 10.04
CA THR B 335 -34.96 23.37 11.31
C THR B 335 -33.93 23.32 12.45
N GLU B 336 -34.42 23.29 13.67
CA GLU B 336 -33.56 23.10 14.81
C GLU B 336 -34.01 21.85 15.52
N ASN B 337 -33.13 20.86 15.64
CA ASN B 337 -33.51 19.60 16.22
C ASN B 337 -33.63 19.69 17.74
N SER B 338 -33.96 18.58 18.38
CA SER B 338 -34.28 18.57 19.81
C SER B 338 -33.07 18.89 20.67
N LYS B 339 -31.87 18.82 20.09
CA LYS B 339 -30.66 19.17 20.83
C LYS B 339 -30.22 20.62 20.59
N GLY B 340 -30.98 21.33 19.75
CA GLY B 340 -30.70 22.73 19.50
C GLY B 340 -29.77 22.99 18.33
N TYR B 341 -29.47 21.95 17.56
CA TYR B 341 -28.58 22.08 16.40
C TYR B 341 -29.34 22.22 15.10
N LYS B 342 -28.77 22.97 14.16
CA LYS B 342 -29.43 23.23 12.89
C LYS B 342 -29.40 22.00 12.00
N LEU B 343 -30.51 21.77 11.31
CA LEU B 343 -30.67 20.62 10.43
C LEU B 343 -31.21 21.04 9.06
N LEU B 344 -30.49 20.70 7.99
CA LEU B 344 -31.03 20.91 6.65
C LEU B 344 -32.28 20.06 6.46
N PRO B 345 -33.16 20.46 5.53
CA PRO B 345 -34.33 19.62 5.22
C PRO B 345 -33.88 18.24 4.72
N PRO B 346 -34.75 17.22 4.87
CA PRO B 346 -34.34 15.83 4.66
C PRO B 346 -33.89 15.50 3.23
N TYR B 347 -34.26 16.32 2.25
CA TYR B 347 -33.89 16.07 0.86
C TYR B 347 -32.54 16.69 0.48
N LEU B 348 -31.82 17.23 1.48
CA LEU B 348 -30.56 17.91 1.19
C LEU B 348 -29.48 17.60 2.23
N ARG B 349 -28.34 17.09 1.76
CA ARG B 349 -27.22 16.79 2.66
C ARG B 349 -25.90 17.19 2.00
N VAL B 350 -24.80 17.03 2.72
CA VAL B 350 -23.48 17.39 2.22
C VAL B 350 -22.52 16.21 2.44
N ILE B 351 -21.57 16.00 1.54
CA ILE B 351 -20.50 15.03 1.78
C ILE B 351 -19.15 15.65 1.44
N GLN B 352 -18.19 15.46 2.34
CA GLN B 352 -16.85 16.01 2.16
C GLN B 352 -15.86 14.85 2.11
N GLY B 353 -15.17 14.70 0.98
CA GLY B 353 -14.22 13.63 0.82
C GLY B 353 -12.81 14.10 0.49
N ASP B 354 -12.60 15.42 0.50
CA ASP B 354 -11.28 15.97 0.21
C ASP B 354 -10.55 16.28 1.52
N GLY B 355 -9.36 15.70 1.68
CA GLY B 355 -8.49 16.00 2.80
C GLY B 355 -8.91 15.39 4.13
N VAL B 356 -9.80 14.39 4.10
CA VAL B 356 -10.34 13.86 5.35
C VAL B 356 -9.53 12.69 5.94
N ASP B 357 -8.69 13.01 6.91
CA ASP B 357 -8.01 12.00 7.71
C ASP B 357 -8.56 12.13 9.11
N ILE B 358 -8.05 11.32 10.04
CA ILE B 358 -8.61 11.33 11.38
C ILE B 358 -8.50 12.71 12.04
N ASN B 359 -7.42 13.44 11.76
CA ASN B 359 -7.24 14.76 12.35
C ASN B 359 -8.24 15.79 11.82
N THR B 360 -8.42 15.82 10.51
CA THR B 360 -9.31 16.81 9.92
C THR B 360 -10.78 16.46 10.16
N LEU B 361 -11.07 15.18 10.30
CA LEU B 361 -12.44 14.73 10.58
C LEU B 361 -12.86 15.30 11.91
N GLN B 362 -11.99 15.18 12.89
CA GLN B 362 -12.18 15.78 14.22
C GLN B 362 -12.35 17.30 14.13
N GLU B 363 -11.48 17.96 13.38
CA GLU B 363 -11.53 19.41 13.23
C GLU B 363 -12.85 19.86 12.62
N ILE B 364 -13.33 19.13 11.61
CA ILE B 364 -14.57 19.50 10.95
C ILE B 364 -15.79 19.30 11.84
N VAL B 365 -15.92 18.13 12.46
CA VAL B 365 -17.10 17.93 13.30
C VAL B 365 -17.11 18.87 14.51
N GLU B 366 -15.94 19.15 15.07
CA GLU B 366 -15.86 20.09 16.19
C GLU B 366 -16.25 21.48 15.74
N GLY B 367 -15.82 21.84 14.53
CA GLY B 367 -16.11 23.15 13.98
C GLY B 367 -17.59 23.31 13.63
N MET B 368 -18.19 22.25 13.10
CA MET B 368 -19.63 22.25 12.85
C MET B 368 -20.39 22.41 14.16
N LYS B 369 -19.97 21.70 15.19
CA LYS B 369 -20.61 21.78 16.51
C LYS B 369 -20.56 23.19 17.06
N GLN B 370 -19.39 23.82 16.94
CA GLN B 370 -19.20 25.19 17.42
C GLN B 370 -20.10 26.18 16.67
N LYS B 371 -20.43 25.87 15.41
CA LYS B 371 -21.35 26.72 14.66
C LYS B 371 -22.80 26.23 14.74
N MET B 372 -23.06 25.30 15.66
CA MET B 372 -24.40 24.77 15.90
C MET B 372 -25.02 24.00 14.73
N TRP B 373 -24.18 23.32 13.95
CA TRP B 373 -24.65 22.48 12.85
C TRP B 373 -24.63 21.02 13.26
N SER B 374 -25.74 20.32 13.04
CA SER B 374 -25.79 18.92 13.41
C SER B 374 -24.90 18.07 12.50
N ILE B 375 -24.27 17.03 13.06
CA ILE B 375 -23.50 16.07 12.26
C ILE B 375 -24.42 15.23 11.36
N GLU B 376 -25.73 15.29 11.63
CA GLU B 376 -26.71 14.67 10.72
C GLU B 376 -26.60 15.20 9.30
N ASN B 377 -26.14 16.44 9.17
CA ASN B 377 -26.11 17.10 7.87
C ASN B 377 -25.03 16.58 6.95
N ILE B 378 -24.03 15.92 7.52
CA ILE B 378 -22.80 15.65 6.79
C ILE B 378 -22.40 14.18 6.82
N ALA B 379 -21.75 13.76 5.74
CA ALA B 379 -21.02 12.51 5.67
C ALA B 379 -19.62 12.81 5.15
N PHE B 380 -18.72 11.85 5.30
CA PHE B 380 -17.34 12.03 4.89
C PHE B 380 -16.92 10.91 3.96
N GLY B 381 -15.92 11.19 3.13
CA GLY B 381 -15.33 10.17 2.28
C GLY B 381 -13.86 10.09 2.62
N SER B 382 -13.32 8.89 2.67
CA SER B 382 -11.93 8.68 3.03
C SER B 382 -11.11 8.36 1.79
N LYS B 389 -0.59 8.40 5.01
CA LYS B 389 -0.69 6.96 4.80
C LYS B 389 -0.30 6.21 6.08
N LEU B 390 -1.00 5.11 6.35
CA LEU B 390 -0.73 4.29 7.52
C LEU B 390 0.44 3.33 7.25
N THR B 391 1.30 3.11 8.25
CA THR B 391 2.41 2.19 8.09
C THR B 391 2.42 1.14 9.18
N ARG B 392 3.31 0.17 9.05
CA ARG B 392 3.52 -0.85 10.06
C ARG B 392 4.06 -0.23 11.37
N ASP B 393 4.65 0.96 11.27
CA ASP B 393 5.20 1.63 12.45
C ASP B 393 4.12 2.26 13.35
N LEU B 394 2.96 2.54 12.78
CA LEU B 394 1.90 3.21 13.52
C LEU B 394 1.52 2.45 14.80
N LEU B 395 1.22 1.16 14.65
CA LEU B 395 0.92 0.31 15.80
C LEU B 395 2.10 -0.59 16.19
N ASN B 396 3.22 -0.38 15.53
CA ASN B 396 4.41 -1.22 15.77
C ASN B 396 4.13 -2.72 15.66
N CYS B 397 3.53 -3.13 14.54
CA CYS B 397 3.19 -4.53 14.32
C CYS B 397 4.47 -5.29 14.06
N SER B 398 4.74 -6.29 14.89
CA SER B 398 6.02 -6.98 14.85
C SER B 398 5.93 -8.48 15.19
N PHE B 399 6.80 -9.25 14.55
CA PHE B 399 6.83 -10.70 14.69
C PHE B 399 8.20 -11.05 15.24
N LYS B 400 8.24 -11.83 16.33
CA LYS B 400 9.50 -12.12 16.99
C LYS B 400 9.54 -13.54 17.54
N CYS B 401 10.73 -14.16 17.50
CA CYS B 401 10.92 -15.46 18.11
C CYS B 401 11.09 -15.30 19.62
N SER B 402 10.34 -16.09 20.40
CA SER B 402 10.37 -15.99 21.87
C SER B 402 10.78 -17.28 22.57
N TYR B 403 10.81 -18.40 21.84
CA TYR B 403 11.06 -19.68 22.47
C TYR B 403 11.59 -20.66 21.45
N VAL B 404 12.63 -21.40 21.82
CA VAL B 404 13.17 -22.44 20.94
C VAL B 404 13.48 -23.69 21.77
N VAL B 405 13.55 -24.83 21.11
CA VAL B 405 14.01 -26.04 21.77
C VAL B 405 15.20 -26.56 20.99
N THR B 406 16.32 -26.69 21.69
CA THR B 406 17.57 -27.16 21.08
C THR B 406 18.14 -28.23 22.01
N ASN B 407 18.55 -29.36 21.44
CA ASN B 407 18.99 -30.51 22.24
C ASN B 407 17.96 -30.91 23.28
N GLY B 408 16.68 -30.78 22.92
CA GLY B 408 15.60 -31.20 23.80
C GLY B 408 15.35 -30.27 24.97
N LEU B 409 16.08 -29.17 25.04
CA LEU B 409 15.89 -28.21 26.12
C LEU B 409 15.25 -26.91 25.62
N GLY B 410 14.15 -26.52 26.24
CA GLY B 410 13.48 -25.27 25.90
C GLY B 410 14.23 -24.07 26.45
N ILE B 411 14.28 -23.00 25.68
CA ILE B 411 14.91 -21.78 26.15
C ILE B 411 14.11 -20.54 25.74
N ASN B 412 13.95 -19.62 26.68
CA ASN B 412 13.23 -18.36 26.45
C ASN B 412 14.13 -17.34 25.80
N VAL B 413 13.78 -16.89 24.60
CA VAL B 413 14.65 -15.98 23.84
C VAL B 413 13.97 -14.65 23.53
N PHE B 414 14.75 -13.63 23.21
CA PHE B 414 14.25 -12.26 23.11
C PHE B 414 15.35 -11.35 22.59
N LYS B 415 14.97 -10.22 22.01
CA LYS B 415 15.95 -9.17 21.76
C LYS B 415 15.75 -8.08 22.79
N ASP B 416 16.81 -7.34 23.11
CA ASP B 416 16.70 -6.26 24.08
C ASP B 416 17.77 -5.20 23.81
N PRO B 417 17.59 -4.43 22.73
CA PRO B 417 18.66 -3.54 22.26
C PRO B 417 18.94 -2.43 23.26
N VAL B 418 20.21 -2.26 23.61
CA VAL B 418 20.62 -1.31 24.64
C VAL B 418 20.11 0.12 24.39
N ALA B 419 20.06 0.54 23.13
CA ALA B 419 19.69 1.93 22.85
C ALA B 419 18.19 2.14 22.58
N ASP B 420 17.41 1.07 22.60
CA ASP B 420 15.96 1.22 22.44
C ASP B 420 15.13 0.19 23.20
N PRO B 421 14.86 0.47 24.47
CA PRO B 421 14.04 -0.43 25.30
C PRO B 421 12.68 -0.72 24.68
N ASN B 422 12.17 0.20 23.85
CA ASN B 422 10.88 -0.01 23.19
C ASN B 422 10.87 -1.18 22.23
N LYS B 423 12.06 -1.61 21.80
CA LYS B 423 12.18 -2.73 20.87
C LYS B 423 12.35 -4.07 21.57
N ARG B 424 12.35 -4.07 22.90
CA ARG B 424 12.47 -5.30 23.66
C ARG B 424 11.32 -6.25 23.31
N SER B 425 11.63 -7.53 23.11
CA SER B 425 10.58 -8.48 22.74
C SER B 425 10.24 -9.42 23.91
N LYS B 426 9.12 -10.15 23.79
CA LYS B 426 8.63 -11.00 24.88
C LYS B 426 9.39 -12.31 24.98
N LYS B 427 9.38 -12.93 26.16
CA LYS B 427 10.19 -14.11 26.39
C LYS B 427 9.34 -15.36 26.60
N GLY B 428 9.72 -16.43 25.89
CA GLY B 428 9.19 -17.73 26.19
C GLY B 428 7.82 -17.98 25.60
N ARG B 429 7.19 -19.06 26.04
CA ARG B 429 5.87 -19.41 25.59
C ARG B 429 4.84 -18.41 26.12
N LEU B 430 3.91 -18.02 25.25
CA LEU B 430 3.01 -16.92 25.57
C LEU B 430 1.56 -17.37 25.61
N SER B 431 0.76 -16.68 26.40
CA SER B 431 -0.66 -16.95 26.43
C SER B 431 -1.38 -15.67 26.79
N LEU B 432 -2.64 -15.58 26.37
CA LEU B 432 -3.43 -14.37 26.58
C LEU B 432 -4.55 -14.69 27.56
N HIS B 433 -4.75 -13.80 28.52
CA HIS B 433 -5.65 -14.11 29.63
C HIS B 433 -6.55 -12.96 30.02
N ARG B 434 -7.65 -13.30 30.69
CA ARG B 434 -8.53 -12.30 31.27
C ARG B 434 -8.04 -11.99 32.68
N THR B 435 -7.97 -10.71 33.05
CA THR B 435 -7.49 -10.32 34.39
C THR B 435 -8.69 -10.30 35.36
N PRO B 436 -8.44 -10.18 36.67
CA PRO B 436 -9.62 -10.14 37.56
C PRO B 436 -10.57 -8.98 37.28
N ALA B 437 -10.05 -7.86 36.76
CA ALA B 437 -10.91 -6.72 36.41
C ALA B 437 -11.57 -6.87 35.05
N GLY B 438 -11.31 -7.97 34.35
CA GLY B 438 -11.93 -8.19 33.05
C GLY B 438 -11.15 -7.60 31.90
N ASN B 439 -9.86 -7.32 32.13
CA ASN B 439 -8.99 -6.84 31.06
C ASN B 439 -8.16 -7.96 30.47
N PHE B 440 -7.36 -7.64 29.46
CA PHE B 440 -6.44 -8.60 28.85
C PHE B 440 -5.07 -8.52 29.48
N VAL B 441 -4.41 -9.66 29.64
CA VAL B 441 -2.99 -9.65 30.02
C VAL B 441 -2.28 -10.75 29.24
N THR B 442 -1.05 -10.49 28.82
CA THR B 442 -0.24 -11.49 28.16
C THR B 442 0.78 -12.06 29.14
N LEU B 443 0.78 -13.38 29.31
CA LEU B 443 1.73 -14.02 30.21
C LEU B 443 2.90 -14.59 29.43
N GLU B 444 4.09 -14.40 29.99
CA GLU B 444 5.31 -14.82 29.31
C GLU B 444 5.90 -16.01 30.04
N GLU B 445 6.96 -16.56 29.46
CA GLU B 445 7.75 -17.61 30.10
C GLU B 445 6.93 -18.83 30.47
N GLY B 446 5.85 -19.06 29.74
CA GLY B 446 5.04 -20.24 29.94
C GLY B 446 4.21 -20.17 31.21
N LYS B 447 4.20 -18.99 31.84
CA LYS B 447 3.47 -18.81 33.10
C LYS B 447 1.98 -19.07 33.03
N GLY B 448 1.42 -19.07 31.81
CA GLY B 448 0.04 -19.45 31.60
C GLY B 448 -0.26 -20.83 32.18
N ASP B 449 0.72 -21.72 32.12
CA ASP B 449 0.56 -23.09 32.59
C ASP B 449 0.39 -23.19 34.12
N LEU B 450 0.71 -22.11 34.83
CA LEU B 450 0.52 -22.08 36.28
C LEU B 450 -0.95 -22.03 36.66
N GLU B 451 -1.81 -21.81 35.66
CA GLU B 451 -3.26 -21.80 35.85
C GLU B 451 -3.72 -20.79 36.91
N GLU B 452 -3.01 -19.68 37.04
CA GLU B 452 -3.41 -18.65 37.99
C GLU B 452 -4.32 -17.62 37.33
N TYR B 453 -4.38 -17.65 36.01
CA TYR B 453 -5.10 -16.64 35.24
C TYR B 453 -6.15 -17.25 34.33
N GLY B 454 -6.60 -18.46 34.67
CA GLY B 454 -7.60 -19.14 33.87
C GLY B 454 -7.11 -19.54 32.48
N GLN B 455 -8.05 -19.74 31.57
CA GLN B 455 -7.75 -20.30 30.25
C GLN B 455 -7.07 -19.32 29.30
N ASP B 456 -6.24 -19.85 28.42
CA ASP B 456 -5.64 -19.07 27.33
C ASP B 456 -6.76 -18.64 26.36
N LEU B 457 -6.81 -17.34 26.05
CA LEU B 457 -7.86 -16.83 25.15
C LEU B 457 -7.55 -17.00 23.65
N LEU B 458 -6.29 -17.29 23.31
CA LEU B 458 -5.94 -17.60 21.91
C LEU B 458 -6.65 -18.90 21.48
N HIS B 459 -6.98 -19.00 20.20
CA HIS B 459 -7.59 -20.22 19.66
C HIS B 459 -6.68 -20.75 18.56
N THR B 460 -6.58 -22.07 18.46
CA THR B 460 -5.88 -22.66 17.30
C THR B 460 -6.69 -22.37 16.03
N VAL B 461 -6.10 -21.62 15.11
CA VAL B 461 -6.77 -21.25 13.87
C VAL B 461 -6.16 -21.93 12.64
N PHE B 462 -4.96 -22.48 12.78
CA PHE B 462 -4.34 -23.18 11.66
C PHE B 462 -3.51 -24.30 12.24
N LYS B 463 -3.61 -25.48 11.65
CA LYS B 463 -2.76 -26.59 12.06
C LYS B 463 -2.55 -27.57 10.90
N ASN B 464 -1.29 -27.78 10.54
CA ASN B 464 -0.90 -28.78 9.57
C ASN B 464 -1.64 -28.66 8.23
N GLY B 465 -1.73 -27.44 7.71
CA GLY B 465 -2.32 -27.22 6.40
C GLY B 465 -3.82 -27.00 6.40
N LYS B 466 -4.44 -27.00 7.58
CA LYS B 466 -5.88 -26.80 7.65
C LYS B 466 -6.24 -25.60 8.52
N VAL B 467 -7.20 -24.81 8.07
CA VAL B 467 -7.80 -23.79 8.90
C VAL B 467 -8.73 -24.47 9.88
N THR B 468 -8.50 -24.27 11.17
CA THR B 468 -9.20 -25.04 12.22
C THR B 468 -10.22 -24.22 12.97
N LYS B 469 -10.19 -22.90 12.76
CA LYS B 469 -11.19 -22.02 13.36
C LYS B 469 -11.30 -20.76 12.53
N SER B 470 -12.53 -20.26 12.35
CA SER B 470 -12.75 -19.12 11.47
C SER B 470 -13.93 -18.29 11.93
N TYR B 471 -14.10 -17.10 11.35
CA TYR B 471 -15.16 -16.20 11.82
C TYR B 471 -15.90 -15.61 10.64
N SER B 472 -17.21 -15.42 10.78
CA SER B 472 -17.97 -14.78 9.71
C SER B 472 -17.74 -13.28 9.82
N PHE B 473 -17.98 -12.57 8.72
CA PHE B 473 -17.83 -11.11 8.74
C PHE B 473 -18.83 -10.47 9.69
N ASP B 474 -19.99 -11.10 9.87
CA ASP B 474 -20.99 -10.59 10.81
C ASP B 474 -20.48 -10.63 12.25
N GLU B 475 -19.80 -11.73 12.61
CA GLU B 475 -19.25 -11.87 13.97
C GLU B 475 -18.07 -10.93 14.21
N ILE B 476 -17.26 -10.73 13.18
CA ILE B 476 -16.13 -9.81 13.25
C ILE B 476 -16.63 -8.38 13.50
N ARG B 477 -17.65 -7.99 12.75
CA ARG B 477 -18.30 -6.69 12.95
C ARG B 477 -18.81 -6.55 14.37
N LYS B 478 -19.48 -7.59 14.87
CA LYS B 478 -19.97 -7.55 16.25
C LYS B 478 -18.84 -7.38 17.26
N ASN B 479 -17.77 -8.14 17.08
CA ASN B 479 -16.62 -8.07 17.98
C ASN B 479 -15.99 -6.67 18.01
N ALA B 480 -16.09 -5.96 16.88
CA ALA B 480 -15.39 -4.69 16.70
C ALA B 480 -16.23 -3.45 17.01
N GLN B 481 -17.44 -3.67 17.52
CA GLN B 481 -18.35 -2.58 17.85
C GLN B 481 -17.78 -1.63 18.89
N LEU B 482 -18.24 -0.39 18.86
CA LEU B 482 -17.84 0.60 19.86
C LEU B 482 -18.63 0.30 21.13
N ASN B 483 -18.09 0.67 22.28
CA ASN B 483 -18.85 0.57 23.54
C ASN B 483 -20.15 1.36 23.46
N ILE B 484 -20.10 2.56 22.89
CA ILE B 484 -21.27 3.42 22.75
C ILE B 484 -22.38 2.77 21.91
N GLU B 485 -21.99 1.94 20.95
CA GLU B 485 -22.97 1.19 20.16
C GLU B 485 -23.61 0.10 21.01
N LEU B 486 -22.81 -0.45 21.92
CA LEU B 486 -23.31 -1.45 22.86
C LEU B 486 -24.23 -0.81 23.90
N GLU B 487 -24.33 0.52 23.86
CA GLU B 487 -25.15 1.33 24.77
C GLU B 487 -24.60 1.32 26.19
C4 1QS C . 23.74 -7.48 2.51
C5 1QS C . 22.88 -8.47 2.93
C6 1QS C . 21.52 -8.38 2.65
C7 1QS C . 20.60 -9.48 3.08
C13 1QS C . 16.96 -6.90 7.20
C17 1QS C . 14.42 -7.95 4.96
C24 1QS C . 24.05 -6.48 -1.12
C26 1QS C . 25.71 -7.74 -2.28
C28 1QS C . 26.25 -6.64 -0.20
C1 1QS C . 21.06 -7.29 1.93
C2 1QS C . 21.92 -6.30 1.51
C3 1QS C . 23.27 -6.38 1.81
N8 1QS C . 19.31 -9.03 3.60
C9 1QS C . 19.34 -8.51 4.84
O10 1QS C . 20.41 -8.43 5.42
C11 1QS C . 18.09 -8.04 5.44
C12 1QS C . 18.12 -7.33 6.67
C14 1QS C . 15.73 -7.16 6.54
N15 1QS C . 14.48 -6.85 6.85
C16 1QS C . 13.66 -7.33 5.89
N18 1QS C . 15.73 -7.85 5.36
C19 1QS C . 16.90 -8.28 4.81
S20 1QS C . 24.40 -5.15 1.22
O21 1QS C . 25.44 -4.98 2.18
O22 1QS C . 23.69 -4.09 0.62
C23 1QS C . 24.96 -6.15 -0.13
C25 1QS C . 24.41 -7.27 -2.20
C27 1QS C . 26.62 -7.42 -1.28
F29 1QS C . 27.88 -7.89 -1.35
F30 1QS C . 23.51 -7.58 -3.16
P PO4 D . 15.33 -8.68 11.55
O1 PO4 D . 16.30 -9.08 10.49
O2 PO4 D . 13.91 -8.88 11.01
O3 PO4 D . 15.47 -9.51 12.80
O4 PO4 D . 15.53 -7.22 11.89
P PO4 E . -8.11 13.57 -7.92
O1 PO4 E . -7.06 13.07 -8.89
O2 PO4 E . -7.46 13.92 -6.60
O3 PO4 E . -8.75 14.83 -8.46
O4 PO4 E . -9.14 12.50 -7.71
C1 EDO F . -12.57 16.32 -14.79
O1 EDO F . -12.27 15.04 -15.36
C2 EDO F . -11.85 17.45 -15.51
O2 EDO F . -12.58 17.85 -16.67
C1 EDO G . -3.83 13.59 -6.06
O1 EDO G . -3.36 14.57 -5.12
C2 EDO G . -4.17 14.27 -7.38
O2 EDO G . -5.43 14.97 -7.30
C1 EDO H . 8.38 -3.26 -2.26
O1 EDO H . 9.46 -2.38 -2.62
C2 EDO H . 8.58 -3.74 -0.83
O2 EDO H . 9.83 -4.46 -0.69
C1 EDO I . 14.60 10.29 -21.83
O1 EDO I . 14.90 11.67 -21.56
C2 EDO I . 15.02 9.45 -20.62
O2 EDO I . 14.28 9.85 -19.46
C1 EDO J . 20.07 -0.66 -11.50
O1 EDO J . 21.47 -0.74 -11.81
C2 EDO J . 19.48 0.53 -12.24
O2 EDO J . 19.80 0.41 -13.62
C4 1QS K . -23.17 9.39 -1.43
C5 1QS K . -22.71 9.05 -2.68
C6 1QS K . -21.63 8.19 -2.81
C7 1QS K . -21.14 7.81 -4.18
C13 1QS K . -15.81 10.72 -4.87
C17 1QS K . -14.56 7.43 -5.30
C24 1QS K . -24.02 6.73 1.21
C26 1QS K . -26.27 5.98 1.02
C28 1QS K . -25.78 8.35 1.09
C1 1QS K . -21.01 7.70 -1.68
C2 1QS K . -21.48 8.05 -0.42
C3 1QS K . -22.55 8.91 -0.29
N8 1QS K . -19.70 7.89 -4.38
C9 1QS K . -19.16 9.11 -4.51
O10 1QS K . -19.88 10.09 -4.44
C11 1QS K . -17.71 9.27 -4.71
C12 1QS K . -17.15 10.57 -4.69
C14 1QS K . -15.00 9.58 -5.07
N15 1QS K . -13.69 9.43 -5.26
C16 1QS K . -13.41 8.13 -5.40
N18 1QS K . -15.58 8.33 -5.09
C19 1QS K . -16.92 8.18 -4.91
S20 1QS K . -23.18 9.32 1.30
O21 1QS K . -23.74 10.62 1.24
O22 1QS K . -22.28 8.89 2.30
C23 1QS K . -24.43 8.07 1.21
C25 1QS K . -24.93 5.69 1.11
C27 1QS K . -26.68 7.31 1.00
F29 1QS K . -28.00 7.59 0.89
F30 1QS K . -24.50 4.39 1.11
P PO4 L . 10.69 -5.41 13.02
O1 PO4 L . 11.20 -6.04 11.73
O2 PO4 L . 11.60 -5.72 14.19
O3 PO4 L . 10.67 -3.92 12.86
O4 PO4 L . 9.34 -5.99 13.33
P PO4 M . -13.82 13.10 -8.84
O1 PO4 M . -12.81 12.00 -9.12
O2 PO4 M . -13.38 13.93 -7.65
O3 PO4 M . -13.90 13.97 -10.06
O4 PO4 M . -15.13 12.45 -8.50
C1 EDO N . -9.20 0.48 0.52
O1 EDO N . -9.89 0.97 1.69
C2 EDO N . -9.22 1.53 -0.58
O2 EDO N . -10.56 2.00 -0.81
C1 EDO O . -0.50 0.62 0.61
O1 EDO O . -1.42 1.41 -0.17
C2 EDO O . 0.96 0.68 0.09
O2 EDO O . 1.86 -0.13 0.88
C1 EDO P . 14.01 -11.92 17.52
O1 EDO P . 13.11 -12.76 16.79
C2 EDO P . 13.67 -11.91 19.01
O2 EDO P . 14.11 -13.13 19.59
C1 EDO Q . 8.00 -3.39 14.27
O1 EDO Q . 9.33 -3.05 14.65
C2 EDO Q . 7.10 -2.18 14.04
O2 EDO Q . 7.75 -1.14 13.29
C1 EDO R . -6.45 19.12 1.64
O1 EDO R . -6.35 17.96 0.79
C2 EDO R . -7.52 20.07 1.12
O2 EDO R . -7.35 20.33 -0.29
C1 EDO S . -23.86 20.51 -23.15
O1 EDO S . -24.14 21.90 -23.23
C2 EDO S . -24.64 19.76 -24.23
O2 EDO S . -23.71 18.98 -25.00
C1 EDO T . 25.10 -17.11 -1.43
O1 EDO T . 26.05 -18.05 -0.88
C2 EDO T . 25.85 -15.85 -1.86
O2 EDO T . 24.95 -14.88 -2.42
C1 EDO U . 5.37 -15.49 -4.53
O1 EDO U . 4.87 -16.21 -5.67
C2 EDO U . 6.06 -14.20 -4.97
O2 EDO U . 7.10 -14.47 -5.92
#